data_5CFA
#
_entry.id   5CFA
#
_cell.length_a   60.916
_cell.length_b   74.961
_cell.length_c   75.563
_cell.angle_alpha   90.000
_cell.angle_beta   102.910
_cell.angle_gamma   90.000
#
_symmetry.space_group_name_H-M   'P 1 21 1'
#
loop_
_entity.id
_entity.type
_entity.pdbx_description
1 polymer 'Bone sialoprotein-binding protein'
2 polymer 'Peptide from Fibrinogen alpha chain'
3 non-polymer 'MAGNESIUM ION'
4 water water
#
loop_
_entity_poly.entity_id
_entity_poly.type
_entity_poly.pdbx_seq_one_letter_code
_entity_poly.pdbx_strand_id
1 'polypeptide(L)'
;GPLGSNNVNDLITVTKQMITEGIKDDGVIQAHDGEHIIYTSDFKIDNAVKAGDTMTVKYDKHTIPSDITDDFTPVDITDP
SGEVIAKGTFDLNTKTITYKFTDYVDRYENVNAKLELNSYIDKKEVPNETNLNLTFATADKETSKNVKVEYQKPIVKDES
NIQSIFSHLDTTKHEVEQTIYVNPLKLNAKNTNVTIKSGGVADNGDYYTGDGSTIIDSNTEIKVYKVASGQQLPQSNKIY
DYSQYEDVTNSVTINKNYGTNMANINFGDIDSAYIVKVVSKYTPGAEDDLAVQQGVRMTTTNKYNYSSYAGYTNTILSTT
DSGGGDGTVKP
;
A,B
2 'polypeptide(L)' SKQFTSSTSYNRGDS D,C
#
loop_
_chem_comp.id
_chem_comp.type
_chem_comp.name
_chem_comp.formula
MG non-polymer 'MAGNESIUM ION' 'Mg 2'
#
# COMPACT_ATOMS: atom_id res chain seq x y z
N ASN A 6 20.83 5.71 -8.71
CA ASN A 6 22.17 5.37 -8.23
C ASN A 6 22.13 4.31 -7.14
N ASN A 7 21.33 3.27 -7.35
CA ASN A 7 21.28 2.19 -6.39
C ASN A 7 22.54 1.34 -6.46
N VAL A 8 23.16 1.10 -5.30
CA VAL A 8 24.40 0.33 -5.27
C VAL A 8 24.28 -0.87 -4.34
N ASN A 9 23.08 -1.43 -4.24
CA ASN A 9 22.87 -2.64 -3.44
C ASN A 9 23.88 -3.75 -3.76
N ASP A 10 24.23 -3.88 -5.03
CA ASP A 10 25.20 -4.89 -5.45
C ASP A 10 26.62 -4.60 -4.93
N LEU A 11 26.85 -3.37 -4.47
CA LEU A 11 28.15 -2.99 -3.91
C LEU A 11 28.16 -3.07 -2.38
N ILE A 12 27.06 -3.56 -1.80
CA ILE A 12 26.96 -3.73 -0.36
C ILE A 12 27.10 -5.22 -0.05
N THR A 13 28.10 -5.57 0.75
CA THR A 13 28.31 -6.96 1.14
C THR A 13 27.85 -7.19 2.57
N VAL A 14 26.78 -7.97 2.75
CA VAL A 14 26.25 -8.21 4.08
C VAL A 14 27.01 -9.35 4.75
N THR A 15 27.66 -9.07 5.88
CA THR A 15 28.52 -10.07 6.51
C THR A 15 27.83 -10.79 7.66
N LYS A 16 26.76 -10.20 8.18
CA LYS A 16 25.98 -10.83 9.24
C LYS A 16 24.62 -10.16 9.35
N GLN A 17 23.57 -10.95 9.46
CA GLN A 17 22.26 -10.38 9.73
C GLN A 17 21.37 -11.36 10.47
N MET A 18 20.53 -10.83 11.35
CA MET A 18 19.68 -11.68 12.15
C MET A 18 18.44 -10.97 12.65
N ILE A 19 17.42 -11.77 12.96
CA ILE A 19 16.16 -11.30 13.51
C ILE A 19 16.01 -11.87 14.91
N THR A 20 15.80 -11.01 15.90
CA THR A 20 15.66 -11.47 17.27
C THR A 20 14.46 -10.81 17.93
N GLU A 21 13.99 -11.40 19.02
CA GLU A 21 12.82 -10.88 19.71
C GLU A 21 13.21 -9.92 20.81
N GLY A 22 12.38 -8.91 21.04
CA GLY A 22 12.73 -7.81 21.93
C GLY A 22 12.59 -8.04 23.41
N ILE A 23 11.77 -9.01 23.80
CA ILE A 23 11.53 -9.28 25.21
C ILE A 23 11.90 -10.70 25.62
N LYS A 24 11.39 -11.70 24.91
CA LYS A 24 11.73 -13.09 25.22
C LYS A 24 11.85 -13.95 23.98
N ASP A 25 12.94 -14.71 23.92
CA ASP A 25 13.18 -15.61 22.80
C ASP A 25 12.37 -16.89 22.99
N ASP A 26 11.13 -16.87 22.50
CA ASP A 26 10.26 -18.02 22.65
C ASP A 26 9.47 -18.29 21.38
N GLY A 27 9.84 -17.63 20.29
CA GLY A 27 9.17 -17.84 19.02
C GLY A 27 7.78 -17.22 18.91
N VAL A 28 7.40 -16.44 19.92
CA VAL A 28 6.08 -15.82 19.96
C VAL A 28 6.19 -14.32 20.19
N ILE A 29 5.70 -13.53 19.24
CA ILE A 29 5.71 -12.08 19.44
C ILE A 29 4.47 -11.69 20.25
N GLN A 30 4.69 -11.23 21.48
CA GLN A 30 3.59 -10.77 22.32
C GLN A 30 3.31 -9.32 22.00
N ALA A 31 2.55 -9.12 20.95
CA ALA A 31 2.34 -7.79 20.37
C ALA A 31 1.64 -6.82 21.34
N HIS A 32 0.72 -7.33 22.16
CA HIS A 32 0.03 -6.44 23.09
C HIS A 32 0.81 -6.24 24.39
N ASP A 33 1.88 -7.00 24.55
CA ASP A 33 2.89 -6.68 25.58
C ASP A 33 3.91 -5.69 25.05
N GLY A 34 3.74 -5.24 23.80
CA GLY A 34 4.66 -4.32 23.19
C GLY A 34 6.00 -4.92 22.77
N GLU A 35 6.03 -6.24 22.57
CA GLU A 35 7.29 -6.89 22.21
C GLU A 35 7.74 -6.50 20.81
N HIS A 36 8.91 -5.90 20.72
CA HIS A 36 9.43 -5.52 19.41
C HIS A 36 10.28 -6.62 18.79
N ILE A 37 10.57 -6.42 17.51
CA ILE A 37 11.41 -7.30 16.72
C ILE A 37 12.68 -6.54 16.42
N ILE A 38 13.83 -7.20 16.57
CA ILE A 38 15.11 -6.52 16.33
C ILE A 38 15.78 -7.11 15.10
N TYR A 39 16.03 -6.26 14.11
CA TYR A 39 16.75 -6.68 12.92
C TYR A 39 18.13 -6.02 12.92
N THR A 40 19.17 -6.85 12.97
N THR A 40 19.18 -6.83 13.02
CA THR A 40 20.54 -6.38 13.00
CA THR A 40 20.54 -6.32 12.99
C THR A 40 21.22 -6.77 11.69
C THR A 40 21.21 -6.75 11.70
N SER A 41 21.98 -5.85 11.11
CA SER A 41 22.67 -6.12 9.85
C SER A 41 24.06 -5.48 9.89
N ASP A 42 25.08 -6.26 9.55
CA ASP A 42 26.45 -5.76 9.44
C ASP A 42 26.87 -5.85 7.98
N PHE A 43 27.42 -4.78 7.43
CA PHE A 43 27.79 -4.81 6.01
C PHE A 43 28.96 -3.94 5.63
N LYS A 44 29.60 -4.33 4.55
CA LYS A 44 30.71 -3.59 3.97
C LYS A 44 30.21 -2.77 2.79
N ILE A 45 30.76 -1.57 2.65
CA ILE A 45 30.40 -0.65 1.59
C ILE A 45 31.58 -0.55 0.63
N ASP A 46 31.38 -0.92 -0.63
CA ASP A 46 32.48 -0.93 -1.59
C ASP A 46 33.09 0.45 -1.75
N ASN A 47 34.39 0.47 -2.00
CA ASN A 47 35.10 1.72 -2.22
C ASN A 47 34.58 2.51 -3.43
N ALA A 48 33.94 1.84 -4.38
CA ALA A 48 33.38 2.53 -5.53
C ALA A 48 32.13 3.33 -5.18
N VAL A 49 31.55 3.07 -4.02
CA VAL A 49 30.36 3.82 -3.63
C VAL A 49 30.71 5.29 -3.42
N LYS A 50 29.89 6.18 -3.97
CA LYS A 50 30.15 7.62 -3.88
C LYS A 50 28.94 8.38 -3.36
N ALA A 51 29.15 9.67 -3.06
CA ALA A 51 28.09 10.50 -2.52
C ALA A 51 26.86 10.49 -3.41
N GLY A 52 25.69 10.36 -2.79
CA GLY A 52 24.45 10.35 -3.51
C GLY A 52 23.97 8.97 -3.91
N ASP A 53 24.84 7.98 -3.85
CA ASP A 53 24.44 6.58 -4.10
C ASP A 53 23.50 6.13 -2.99
N THR A 54 22.67 5.13 -3.30
CA THR A 54 21.68 4.63 -2.35
C THR A 54 21.71 3.12 -2.17
N MET A 55 21.32 2.69 -0.98
CA MET A 55 21.07 1.28 -0.70
C MET A 55 19.73 1.18 -0.01
N THR A 56 19.17 -0.03 0.03
CA THR A 56 17.88 -0.23 0.69
C THR A 56 17.95 -1.24 1.82
N VAL A 57 17.03 -1.09 2.76
CA VAL A 57 16.80 -2.05 3.83
C VAL A 57 15.31 -2.31 3.88
N LYS A 58 14.91 -3.57 3.79
CA LYS A 58 13.50 -3.90 3.70
C LYS A 58 12.99 -4.58 4.98
N TYR A 59 11.89 -4.05 5.53
CA TYR A 59 11.20 -4.63 6.66
C TYR A 59 10.22 -5.66 6.15
N ASP A 60 9.90 -6.66 6.97
CA ASP A 60 8.83 -7.58 6.61
C ASP A 60 7.51 -6.80 6.50
N LYS A 61 6.68 -7.17 5.54
CA LYS A 61 5.42 -6.49 5.29
C LYS A 61 4.52 -6.42 6.55
N HIS A 62 4.70 -7.38 7.43
CA HIS A 62 3.85 -7.48 8.62
C HIS A 62 4.39 -6.70 9.81
N THR A 63 5.48 -5.95 9.60
CA THR A 63 6.09 -5.16 10.66
C THR A 63 6.08 -3.67 10.31
N ILE A 64 6.33 -2.83 11.32
CA ILE A 64 6.27 -1.39 11.15
C ILE A 64 7.19 -0.76 12.21
N PRO A 65 7.97 0.26 11.84
CA PRO A 65 8.95 0.80 12.80
C PRO A 65 8.32 1.35 14.07
N SER A 66 7.20 2.06 13.95
CA SER A 66 6.49 2.54 15.12
C SER A 66 5.04 2.07 15.07
N ASP A 67 4.58 1.49 16.17
CA ASP A 67 3.23 0.95 16.27
C ASP A 67 2.21 2.08 16.42
N ILE A 68 2.48 3.05 17.30
CA ILE A 68 1.45 4.05 17.56
C ILE A 68 1.82 5.50 17.21
N THR A 69 3.01 5.75 16.70
CA THR A 69 3.29 7.09 16.17
C THR A 69 3.54 7.06 14.66
N ASP A 70 3.35 8.22 14.03
CA ASP A 70 3.41 8.34 12.58
C ASP A 70 4.69 9.03 12.13
N ASP A 71 5.54 9.38 13.09
CA ASP A 71 6.66 10.29 12.86
C ASP A 71 8.01 9.61 12.64
N PHE A 72 8.01 8.35 12.23
CA PHE A 72 9.27 7.63 12.09
C PHE A 72 10.21 8.23 11.04
N THR A 73 11.43 8.50 11.47
CA THR A 73 12.52 8.87 10.57
C THR A 73 13.67 7.89 10.82
N PRO A 74 14.20 7.26 9.76
CA PRO A 74 15.36 6.38 9.98
C PRO A 74 16.52 7.08 10.67
N VAL A 75 17.21 6.33 11.50
CA VAL A 75 18.37 6.85 12.18
C VAL A 75 19.50 7.07 11.16
N ASP A 76 20.26 8.15 11.33
CA ASP A 76 21.45 8.36 10.52
C ASP A 76 22.40 7.19 10.73
N ILE A 77 23.19 6.84 9.73
CA ILE A 77 24.37 6.01 9.98
C ILE A 77 25.53 6.96 10.26
N THR A 78 26.14 6.86 11.44
CA THR A 78 27.21 7.79 11.84
C THR A 78 28.50 7.07 12.19
N ASP A 79 29.63 7.75 11.98
CA ASP A 79 30.92 7.19 12.39
C ASP A 79 31.14 7.52 13.89
N PRO A 80 32.24 7.03 14.50
CA PRO A 80 32.41 7.21 15.95
C PRO A 80 32.45 8.64 16.46
N SER A 81 32.76 9.62 15.61
CA SER A 81 32.81 11.00 16.09
C SER A 81 31.57 11.78 15.66
N GLY A 82 30.63 11.12 14.99
CA GLY A 82 29.41 11.79 14.59
C GLY A 82 29.29 12.17 13.13
N GLU A 83 30.28 11.86 12.31
CA GLU A 83 30.17 12.12 10.88
C GLU A 83 29.03 11.32 10.29
N VAL A 84 28.21 11.93 9.46
CA VAL A 84 27.11 11.16 8.88
C VAL A 84 27.58 10.43 7.63
N ILE A 85 27.43 9.11 7.66
CA ILE A 85 27.78 8.25 6.54
C ILE A 85 26.64 8.15 5.55
N ALA A 86 25.41 8.02 6.05
CA ALA A 86 24.24 7.95 5.18
C ALA A 86 23.01 8.51 5.88
N LYS A 87 22.12 9.12 5.10
CA LYS A 87 20.82 9.62 5.56
C LYS A 87 19.72 8.69 5.05
N GLY A 88 18.75 8.38 5.90
CA GLY A 88 17.70 7.45 5.51
C GLY A 88 16.31 8.06 5.39
N THR A 89 15.55 7.55 4.42
N THR A 89 15.54 7.52 4.43
CA THR A 89 14.14 7.91 4.32
CA THR A 89 14.15 7.89 4.22
C THR A 89 13.31 6.64 4.26
C THR A 89 13.31 6.62 4.24
N PHE A 90 12.15 6.68 4.89
CA PHE A 90 11.28 5.52 4.99
C PHE A 90 10.04 5.65 4.12
N ASP A 91 9.74 4.61 3.36
CA ASP A 91 8.49 4.52 2.62
C ASP A 91 7.59 3.51 3.31
N LEU A 92 6.51 4.01 3.92
CA LEU A 92 5.60 3.13 4.67
C LEU A 92 4.94 2.09 3.77
N ASN A 93 4.63 2.49 2.55
CA ASN A 93 3.92 1.63 1.62
C ASN A 93 4.76 0.43 1.16
N THR A 94 6.06 0.65 0.99
CA THR A 94 6.95 -0.44 0.60
C THR A 94 7.71 -1.03 1.80
N LYS A 95 7.48 -0.47 2.99
CA LYS A 95 8.18 -0.87 4.20
C LYS A 95 9.68 -0.94 3.97
N THR A 96 10.23 0.11 3.36
CA THR A 96 11.63 0.12 2.95
C THR A 96 12.33 1.42 3.33
N ILE A 97 13.51 1.29 3.92
CA ILE A 97 14.38 2.44 4.11
C ILE A 97 15.31 2.58 2.92
N THR A 98 15.42 3.80 2.39
CA THR A 98 16.46 4.08 1.43
C THR A 98 17.52 4.94 2.10
N TYR A 99 18.73 4.39 2.22
CA TYR A 99 19.87 5.15 2.76
C TYR A 99 20.68 5.78 1.62
N LYS A 100 20.91 7.07 1.72
CA LYS A 100 21.65 7.81 0.70
C LYS A 100 22.98 8.25 1.29
N PHE A 101 24.07 7.80 0.69
CA PHE A 101 25.39 8.12 1.22
C PHE A 101 25.77 9.58 1.04
N THR A 102 26.46 10.11 2.05
CA THR A 102 27.01 11.45 2.00
C THR A 102 28.40 11.38 1.40
N ASP A 103 29.07 12.54 1.32
CA ASP A 103 30.44 12.54 0.81
C ASP A 103 31.44 11.95 1.82
N TYR A 104 30.94 11.42 2.95
CA TYR A 104 31.76 10.58 3.80
C TYR A 104 32.45 9.49 2.97
N VAL A 105 31.71 8.88 2.05
CA VAL A 105 32.25 7.75 1.30
C VAL A 105 33.22 8.20 0.21
N ASP A 106 33.28 9.52 -0.04
CA ASP A 106 34.30 10.10 -0.92
C ASP A 106 35.61 10.33 -0.16
N ARG A 107 35.51 10.50 1.15
CA ARG A 107 36.66 10.86 1.99
C ARG A 107 37.25 9.66 2.74
N TYR A 108 36.46 8.60 2.87
CA TYR A 108 36.92 7.41 3.57
C TYR A 108 36.80 6.19 2.67
N GLU A 109 37.61 5.17 2.95
CA GLU A 109 37.50 3.89 2.26
C GLU A 109 37.48 2.76 3.29
N ASN A 110 37.32 1.52 2.83
CA ASN A 110 37.15 0.37 3.71
C ASN A 110 36.01 0.62 4.70
N VAL A 111 34.94 1.21 4.19
CA VAL A 111 33.83 1.62 5.04
C VAL A 111 32.93 0.44 5.34
N ASN A 112 32.57 0.30 6.60
CA ASN A 112 31.62 -0.73 7.00
C ASN A 112 30.60 -0.12 7.94
N ALA A 113 29.46 -0.78 8.11
CA ALA A 113 28.41 -0.22 8.94
C ALA A 113 27.63 -1.33 9.63
N LYS A 114 26.88 -0.92 10.65
CA LYS A 114 26.09 -1.82 11.47
C LYS A 114 24.74 -1.15 11.75
N LEU A 115 23.66 -1.83 11.41
CA LEU A 115 22.32 -1.31 11.62
C LEU A 115 21.58 -2.13 12.66
N GLU A 116 20.92 -1.48 13.60
CA GLU A 116 19.99 -2.16 14.51
C GLU A 116 18.63 -1.47 14.37
N LEU A 117 17.67 -2.18 13.78
CA LEU A 117 16.38 -1.60 13.45
C LEU A 117 15.28 -2.31 14.21
N ASN A 118 14.51 -1.55 14.97
CA ASN A 118 13.42 -2.13 15.75
C ASN A 118 12.11 -1.97 15.02
N SER A 119 11.21 -2.94 15.20
CA SER A 119 9.89 -2.84 14.60
C SER A 119 8.89 -3.58 15.46
N TYR A 120 7.62 -3.31 15.19
CA TYR A 120 6.50 -3.97 15.85
C TYR A 120 5.62 -4.64 14.83
N ILE A 121 4.80 -5.57 15.29
CA ILE A 121 3.78 -6.12 14.42
C ILE A 121 2.90 -4.98 13.91
N ASP A 122 2.74 -4.91 12.59
CA ASP A 122 1.82 -3.96 11.97
C ASP A 122 0.40 -4.52 12.07
N LYS A 123 -0.43 -3.94 12.96
CA LYS A 123 -1.77 -4.46 13.20
C LYS A 123 -2.67 -4.42 11.95
N LYS A 124 -2.40 -3.52 11.01
CA LYS A 124 -3.17 -3.50 9.77
C LYS A 124 -2.95 -4.77 8.94
N GLU A 125 -1.74 -5.30 8.98
CA GLU A 125 -1.39 -6.49 8.21
C GLU A 125 -1.67 -7.78 8.98
N VAL A 126 -1.87 -7.64 10.29
CA VAL A 126 -2.07 -8.79 11.18
C VAL A 126 -3.29 -8.55 12.08
N PRO A 127 -4.50 -8.64 11.51
CA PRO A 127 -5.69 -8.35 12.33
C PRO A 127 -5.93 -9.40 13.41
N ASN A 128 -5.53 -10.65 13.18
CA ASN A 128 -5.74 -11.72 14.15
C ASN A 128 -4.47 -12.51 14.39
N GLU A 129 -4.46 -13.32 15.44
CA GLU A 129 -3.30 -14.17 15.72
C GLU A 129 -3.01 -15.09 14.55
N THR A 130 -1.72 -15.26 14.28
CA THR A 130 -1.33 -16.05 13.12
C THR A 130 0.14 -16.42 13.21
N ASN A 131 0.57 -17.35 12.38
CA ASN A 131 1.98 -17.65 12.21
C ASN A 131 2.50 -16.83 11.04
N LEU A 132 3.71 -16.32 11.17
CA LEU A 132 4.35 -15.52 10.13
C LEU A 132 5.74 -16.04 9.82
N ASN A 133 6.10 -16.00 8.55
CA ASN A 133 7.50 -16.14 8.17
C ASN A 133 8.04 -14.75 7.87
N LEU A 134 8.69 -14.16 8.87
CA LEU A 134 9.28 -12.83 8.75
C LEU A 134 10.45 -12.87 7.80
N THR A 135 10.52 -11.93 6.88
CA THR A 135 11.69 -11.78 6.01
C THR A 135 12.11 -10.33 5.95
N PHE A 136 13.36 -10.09 6.36
CA PHE A 136 13.99 -8.77 6.28
C PHE A 136 15.11 -8.82 5.27
N ALA A 137 15.55 -7.67 4.77
CA ALA A 137 16.64 -7.68 3.81
C ALA A 137 17.49 -6.44 3.94
N THR A 138 18.79 -6.62 3.72
CA THR A 138 19.71 -5.49 3.58
C THR A 138 20.32 -5.57 2.19
N ALA A 139 20.11 -4.55 1.37
CA ALA A 139 20.63 -4.51 0.01
C ALA A 139 20.28 -5.77 -0.79
N ASP A 140 19.01 -6.18 -0.66
CA ASP A 140 18.43 -7.36 -1.34
C ASP A 140 18.90 -8.73 -0.83
N LYS A 141 19.73 -8.74 0.21
CA LYS A 141 20.13 -10.00 0.84
C LYS A 141 19.20 -10.31 2.00
N GLU A 142 18.40 -11.36 1.85
CA GLU A 142 17.30 -11.65 2.77
C GLU A 142 17.68 -12.61 3.90
N THR A 143 16.97 -12.48 5.01
CA THR A 143 17.04 -13.44 6.11
C THR A 143 15.64 -13.61 6.69
N SER A 144 15.33 -14.80 7.21
CA SER A 144 13.96 -15.10 7.63
C SER A 144 13.84 -15.67 9.04
N LYS A 145 12.66 -15.53 9.64
CA LYS A 145 12.40 -16.12 10.95
C LYS A 145 10.92 -16.41 11.11
N ASN A 146 10.59 -17.64 11.50
CA ASN A 146 9.21 -18.00 11.75
C ASN A 146 8.80 -17.59 13.15
N VAL A 147 7.68 -16.91 13.28
CA VAL A 147 7.14 -16.58 14.59
C VAL A 147 5.64 -16.77 14.64
N LYS A 148 5.11 -16.85 15.86
CA LYS A 148 3.68 -16.71 16.07
C LYS A 148 3.41 -15.32 16.63
N VAL A 149 2.32 -14.71 16.20
CA VAL A 149 1.86 -13.46 16.79
C VAL A 149 0.72 -13.75 17.73
N GLU A 150 0.87 -13.33 18.98
CA GLU A 150 -0.21 -13.46 19.95
C GLU A 150 -0.70 -12.09 20.39
N TYR A 151 -2.01 -11.99 20.54
CA TYR A 151 -2.69 -10.81 21.02
C TYR A 151 -3.31 -11.11 22.38
N GLN A 152 -3.84 -10.08 23.02
CA GLN A 152 -4.39 -10.23 24.35
C GLN A 152 -5.80 -10.81 24.33
N LYS A 153 -6.28 -11.16 25.52
CA LYS A 153 -7.65 -11.59 25.70
C LYS A 153 -8.32 -10.67 26.72
N PRO A 154 -9.65 -10.57 26.68
CA PRO A 154 -10.34 -9.70 27.64
C PRO A 154 -10.24 -10.24 29.05
N ILE A 155 -10.24 -9.37 30.05
CA ILE A 155 -10.51 -9.81 31.42
C ILE A 155 -12.00 -10.11 31.49
N VAL A 156 -12.35 -11.29 32.02
CA VAL A 156 -13.74 -11.74 32.12
C VAL A 156 -14.11 -12.05 33.57
N LYS A 157 -15.15 -11.39 34.06
CA LYS A 157 -15.73 -11.68 35.37
C LYS A 157 -17.23 -11.63 35.25
N ASP A 158 -17.86 -12.81 35.21
CA ASP A 158 -19.26 -12.95 34.89
C ASP A 158 -19.52 -12.22 33.57
N GLU A 159 -20.42 -11.25 33.53
CA GLU A 159 -20.70 -10.57 32.26
C GLU A 159 -19.87 -9.33 32.02
N SER A 160 -19.07 -8.94 33.00
CA SER A 160 -18.11 -7.85 32.77
C SER A 160 -16.93 -8.41 31.99
N ASN A 161 -16.70 -7.86 30.78
CA ASN A 161 -15.60 -8.34 29.97
C ASN A 161 -15.14 -7.21 29.07
N ILE A 162 -13.84 -6.92 29.13
CA ILE A 162 -13.30 -5.71 28.51
C ILE A 162 -11.84 -5.91 28.17
N GLN A 163 -11.38 -5.13 27.18
CA GLN A 163 -9.96 -5.06 26.83
C GLN A 163 -9.71 -3.76 26.10
N SER A 164 -8.45 -3.33 26.09
CA SER A 164 -8.11 -2.04 25.49
C SER A 164 -6.66 -2.02 25.03
N ILE A 165 -6.39 -1.15 24.07
CA ILE A 165 -5.01 -0.77 23.71
C ILE A 165 -4.90 0.72 23.54
N PHE A 166 -3.67 1.24 23.63
CA PHE A 166 -3.43 2.55 23.04
C PHE A 166 -3.24 2.33 21.55
N SER A 167 -4.01 3.03 20.73
CA SER A 167 -3.95 2.82 19.29
C SER A 167 -3.28 3.94 18.50
N HIS A 168 -2.99 5.06 19.17
CA HIS A 168 -2.27 6.17 18.54
C HIS A 168 -1.69 7.06 19.61
N LEU A 169 -0.56 7.69 19.27
CA LEU A 169 0.12 8.65 20.13
C LEU A 169 0.59 9.80 19.25
N ASP A 170 0.23 11.02 19.62
CA ASP A 170 0.64 12.21 18.90
C ASP A 170 1.47 13.06 19.84
N THR A 171 2.78 13.10 19.64
CA THR A 171 3.68 13.79 20.58
C THR A 171 3.81 15.27 20.25
N THR A 172 3.13 15.72 19.21
CA THR A 172 3.09 17.14 18.84
C THR A 172 1.87 17.80 19.49
N LYS A 173 0.72 17.14 19.39
CA LYS A 173 -0.52 17.66 19.99
C LYS A 173 -0.78 17.08 21.37
N HIS A 174 0.10 16.18 21.81
CA HIS A 174 0.02 15.54 23.13
C HIS A 174 -1.33 14.87 23.37
N GLU A 175 -1.68 14.03 22.41
CA GLU A 175 -2.91 13.25 22.46
C GLU A 175 -2.56 11.78 22.43
N VAL A 176 -3.30 11.00 23.19
CA VAL A 176 -3.20 9.55 23.11
C VAL A 176 -4.59 8.99 22.84
N GLU A 177 -4.66 7.99 21.98
CA GLU A 177 -5.92 7.35 21.62
C GLU A 177 -5.99 5.98 22.24
N GLN A 178 -7.11 5.70 22.92
CA GLN A 178 -7.35 4.36 23.46
C GLN A 178 -8.56 3.73 22.76
N THR A 179 -8.39 2.50 22.30
CA THR A 179 -9.47 1.74 21.68
C THR A 179 -9.88 0.62 22.62
N ILE A 180 -11.15 0.65 23.02
CA ILE A 180 -11.68 -0.23 24.05
C ILE A 180 -12.75 -1.13 23.45
N TYR A 181 -12.63 -2.43 23.70
CA TYR A 181 -13.70 -3.38 23.39
C TYR A 181 -14.53 -3.60 24.64
N VAL A 182 -15.78 -3.15 24.60
CA VAL A 182 -16.72 -3.35 25.71
C VAL A 182 -17.60 -4.55 25.38
N ASN A 183 -17.64 -5.54 26.29
CA ASN A 183 -18.41 -6.76 26.04
C ASN A 183 -18.10 -7.45 24.69
N PRO A 184 -16.81 -7.66 24.36
CA PRO A 184 -16.50 -8.35 23.09
C PRO A 184 -17.13 -9.74 23.00
N LEU A 185 -17.41 -10.36 24.15
CA LEU A 185 -17.99 -11.70 24.16
C LEU A 185 -19.47 -11.72 23.85
N LYS A 186 -20.05 -10.53 23.74
CA LYS A 186 -21.47 -10.36 23.40
C LYS A 186 -22.39 -11.04 24.42
N LEU A 187 -22.07 -10.84 25.70
CA LEU A 187 -22.85 -11.41 26.79
C LEU A 187 -24.03 -10.52 27.13
N ASN A 188 -24.94 -11.04 27.95
CA ASN A 188 -26.05 -10.23 28.42
C ASN A 188 -25.67 -9.48 29.67
N ALA A 189 -25.12 -8.30 29.44
CA ALA A 189 -24.49 -7.52 30.48
C ALA A 189 -25.45 -6.49 31.06
N LYS A 190 -25.93 -6.78 32.27
CA LYS A 190 -26.92 -5.96 32.94
C LYS A 190 -26.29 -4.75 33.63
N ASN A 191 -26.94 -3.59 33.51
CA ASN A 191 -26.51 -2.36 34.17
C ASN A 191 -25.07 -2.04 33.86
N THR A 192 -24.71 -2.08 32.58
CA THR A 192 -23.33 -1.89 32.18
C THR A 192 -22.85 -0.44 32.25
N ASN A 193 -21.82 -0.21 33.04
CA ASN A 193 -21.13 1.09 33.08
C ASN A 193 -19.67 0.88 32.78
N VAL A 194 -19.07 1.83 32.05
CA VAL A 194 -17.65 1.77 31.79
C VAL A 194 -16.99 3.07 32.24
N THR A 195 -15.94 2.96 33.06
CA THR A 195 -15.16 4.12 33.49
C THR A 195 -13.83 4.14 32.77
N ILE A 196 -13.39 5.33 32.38
CA ILE A 196 -12.08 5.53 31.77
C ILE A 196 -11.34 6.52 32.65
N LYS A 197 -10.14 6.18 33.11
CA LYS A 197 -9.47 7.07 34.05
C LYS A 197 -7.97 7.14 33.85
N SER A 198 -7.36 8.28 34.18
CA SER A 198 -5.91 8.43 34.21
C SER A 198 -5.33 7.45 35.20
N GLY A 199 -4.20 6.84 34.85
CA GLY A 199 -3.55 5.90 35.75
C GLY A 199 -4.06 4.49 35.58
N GLY A 200 -4.18 3.76 36.69
CA GLY A 200 -4.46 2.34 36.60
C GLY A 200 -5.82 1.85 37.02
N VAL A 201 -6.24 0.76 36.39
CA VAL A 201 -7.36 -0.07 36.83
C VAL A 201 -6.85 -1.51 36.82
N ALA A 202 -6.92 -2.17 37.98
CA ALA A 202 -6.44 -3.54 38.09
C ALA A 202 -7.42 -4.52 37.43
N ASP A 203 -6.96 -5.74 37.19
CA ASP A 203 -7.82 -6.77 36.58
C ASP A 203 -9.18 -6.90 37.27
N ASN A 204 -9.18 -6.80 38.60
CA ASN A 204 -10.43 -6.91 39.34
C ASN A 204 -11.20 -5.60 39.50
N GLY A 205 -10.76 -4.55 38.80
CA GLY A 205 -11.47 -3.28 38.83
C GLY A 205 -10.92 -2.26 39.81
N ASP A 206 -10.02 -2.69 40.70
CA ASP A 206 -9.46 -1.79 41.70
C ASP A 206 -8.66 -0.68 41.03
N TYR A 207 -8.88 0.55 41.48
CA TYR A 207 -8.10 1.68 40.98
C TYR A 207 -6.73 1.76 41.65
N TYR A 208 -5.74 2.20 40.89
CA TYR A 208 -4.42 2.46 41.44
C TYR A 208 -3.78 3.63 40.69
N THR A 209 -2.87 4.34 41.34
CA THR A 209 -2.32 5.54 40.74
C THR A 209 -1.44 5.21 39.54
N GLY A 210 -0.59 4.21 39.69
CA GLY A 210 0.27 3.77 38.59
C GLY A 210 1.46 4.68 38.35
N ASP A 211 2.10 4.52 37.19
CA ASP A 211 3.30 5.27 36.88
C ASP A 211 3.17 6.18 35.66
N GLY A 212 1.94 6.39 35.21
CA GLY A 212 1.67 7.29 34.11
C GLY A 212 0.34 8.01 34.30
N SER A 213 0.04 8.97 33.44
CA SER A 213 -1.19 9.72 33.57
C SER A 213 -1.70 10.23 32.23
N THR A 214 -2.95 10.68 32.23
CA THR A 214 -3.56 11.36 31.10
C THR A 214 -4.48 12.41 31.67
N ILE A 215 -4.99 13.25 30.79
CA ILE A 215 -5.85 14.35 31.14
C ILE A 215 -7.21 14.10 30.50
N ILE A 216 -8.24 13.98 31.33
CA ILE A 216 -9.60 13.67 30.88
C ILE A 216 -10.54 14.77 31.38
N ASP A 217 -11.20 15.45 30.45
CA ASP A 217 -12.11 16.53 30.78
C ASP A 217 -13.09 16.74 29.64
N SER A 218 -13.75 17.89 29.60
CA SER A 218 -14.78 18.16 28.60
C SER A 218 -14.27 18.12 27.16
N ASN A 219 -12.97 18.31 26.97
CA ASN A 219 -12.37 18.30 25.64
C ASN A 219 -11.77 16.96 25.25
N THR A 220 -11.97 15.97 26.11
CA THR A 220 -11.69 14.60 25.73
C THR A 220 -12.69 14.18 24.65
N GLU A 221 -12.21 13.48 23.63
CA GLU A 221 -13.11 12.98 22.59
C GLU A 221 -13.48 11.55 22.91
N ILE A 222 -14.78 11.26 22.91
CA ILE A 222 -15.27 9.90 23.15
C ILE A 222 -16.31 9.53 22.11
N LYS A 223 -16.02 8.47 21.34
CA LYS A 223 -16.96 7.93 20.35
C LYS A 223 -17.29 6.50 20.73
N VAL A 224 -18.54 6.11 20.51
CA VAL A 224 -19.03 4.80 20.87
C VAL A 224 -19.74 4.16 19.68
N TYR A 225 -19.34 2.92 19.37
CA TYR A 225 -19.88 2.19 18.21
C TYR A 225 -20.46 0.85 18.64
N LYS A 226 -21.62 0.50 18.11
CA LYS A 226 -22.25 -0.79 18.39
C LYS A 226 -21.83 -1.80 17.32
N VAL A 227 -21.51 -3.01 17.78
CA VAL A 227 -21.06 -4.10 16.93
C VAL A 227 -22.21 -5.08 16.80
N ALA A 228 -22.52 -5.51 15.59
CA ALA A 228 -23.65 -6.43 15.40
C ALA A 228 -23.30 -7.86 15.77
N SER A 229 -24.33 -8.69 15.96
CA SER A 229 -24.11 -10.05 16.45
C SER A 229 -23.27 -10.88 15.50
N GLY A 230 -23.37 -10.60 14.20
CA GLY A 230 -22.59 -11.31 13.22
C GLY A 230 -21.28 -10.63 12.85
N GLN A 231 -20.97 -9.53 13.53
CA GLN A 231 -19.70 -8.86 13.28
C GLN A 231 -18.62 -9.38 14.23
N GLN A 232 -17.43 -9.54 13.68
CA GLN A 232 -16.27 -10.06 14.40
C GLN A 232 -15.22 -8.95 14.54
N LEU A 233 -14.76 -8.72 15.76
CA LEU A 233 -13.74 -7.71 15.99
C LEU A 233 -12.36 -8.29 15.81
N PRO A 234 -11.43 -7.51 15.21
CA PRO A 234 -10.07 -8.03 15.07
C PRO A 234 -9.40 -8.23 16.42
N GLN A 235 -8.65 -9.32 16.58
CA GLN A 235 -7.95 -9.57 17.84
C GLN A 235 -6.86 -8.53 18.12
N SER A 236 -6.42 -7.83 17.09
CA SER A 236 -5.42 -6.77 17.25
C SER A 236 -5.90 -5.62 18.12
N ASN A 237 -7.21 -5.51 18.30
CA ASN A 237 -7.83 -4.45 19.12
C ASN A 237 -7.70 -3.08 18.45
N LYS A 238 -7.36 -3.07 17.17
CA LYS A 238 -7.25 -1.80 16.45
C LYS A 238 -8.23 -1.77 15.29
N ILE A 239 -8.99 -0.68 15.22
CA ILE A 239 -10.00 -0.51 14.19
C ILE A 239 -9.54 0.55 13.18
N TYR A 240 -9.25 0.11 11.96
CA TYR A 240 -8.78 1.01 10.92
C TYR A 240 -9.92 1.66 10.15
N ASP A 241 -11.10 1.06 10.20
CA ASP A 241 -12.26 1.62 9.53
C ASP A 241 -13.49 1.46 10.41
N TYR A 242 -14.05 2.58 10.85
CA TYR A 242 -15.23 2.58 11.71
C TYR A 242 -16.56 2.60 10.93
N SER A 243 -16.49 2.71 9.61
CA SER A 243 -17.68 2.99 8.80
C SER A 243 -18.73 1.88 8.84
N GLN A 244 -18.31 0.63 9.05
CA GLN A 244 -19.25 -0.50 9.03
C GLN A 244 -19.87 -0.78 10.39
N TYR A 245 -19.52 0.03 11.38
CA TYR A 245 -20.15 -0.09 12.70
C TYR A 245 -21.18 1.02 12.88
N GLU A 246 -22.07 0.83 13.85
CA GLU A 246 -23.15 1.77 14.11
C GLU A 246 -22.70 2.79 15.17
N ASP A 247 -22.60 4.05 14.79
CA ASP A 247 -22.21 5.10 15.74
C ASP A 247 -23.37 5.35 16.71
N VAL A 248 -23.16 5.03 17.98
CA VAL A 248 -24.22 5.21 18.98
C VAL A 248 -23.80 6.20 20.07
N THR A 249 -22.85 7.07 19.74
CA THR A 249 -22.34 8.03 20.71
C THR A 249 -23.47 8.86 21.33
N ASN A 250 -24.44 9.24 20.49
CA ASN A 250 -25.56 10.06 20.95
C ASN A 250 -26.71 9.29 21.61
N SER A 251 -26.54 7.98 21.79
N SER A 251 -26.52 7.99 21.79
CA SER A 251 -27.58 7.17 22.40
CA SER A 251 -27.55 7.13 22.37
C SER A 251 -27.09 6.43 23.64
C SER A 251 -27.09 6.43 23.65
N VAL A 252 -25.92 6.81 24.12
CA VAL A 252 -25.43 6.34 25.42
C VAL A 252 -25.16 7.61 26.21
N THR A 253 -25.10 7.50 27.54
CA THR A 253 -24.80 8.66 28.38
C THR A 253 -23.33 8.71 28.72
N ILE A 254 -22.69 9.83 28.36
CA ILE A 254 -21.27 10.03 28.58
C ILE A 254 -21.06 11.23 29.51
N ASN A 255 -20.37 11.01 30.62
CA ASN A 255 -19.97 12.10 31.50
C ASN A 255 -18.46 12.17 31.53
N LYS A 256 -17.90 13.16 30.85
CA LYS A 256 -16.47 13.31 30.77
C LYS A 256 -15.86 13.84 32.07
N ASN A 257 -16.71 14.35 32.94
CA ASN A 257 -16.27 14.89 34.22
C ASN A 257 -16.81 14.14 35.42
N TYR A 258 -16.89 12.81 35.30
CA TYR A 258 -17.45 12.00 36.37
C TYR A 258 -16.62 12.13 37.65
N GLY A 259 -15.30 12.12 37.48
CA GLY A 259 -14.42 12.25 38.63
C GLY A 259 -13.16 12.96 38.18
N THR A 260 -12.16 13.00 39.05
CA THR A 260 -10.88 13.59 38.69
C THR A 260 -10.21 12.78 37.60
N ASN A 261 -10.01 13.41 36.44
CA ASN A 261 -9.47 12.74 35.25
C ASN A 261 -10.12 11.39 35.05
N MET A 262 -11.44 11.41 34.93
CA MET A 262 -12.23 10.19 34.95
C MET A 262 -13.55 10.45 34.25
N ALA A 263 -13.82 9.67 33.21
CA ALA A 263 -15.08 9.74 32.48
C ALA A 263 -15.84 8.46 32.70
N ASN A 264 -17.15 8.50 32.54
CA ASN A 264 -17.83 7.23 32.49
C ASN A 264 -18.91 7.20 31.42
N ILE A 265 -19.31 5.99 31.06
CA ILE A 265 -20.30 5.79 30.02
C ILE A 265 -21.34 4.84 30.58
N ASN A 266 -22.61 5.23 30.51
CA ASN A 266 -23.70 4.34 30.91
C ASN A 266 -24.30 3.65 29.70
N PHE A 267 -24.16 2.33 29.65
CA PHE A 267 -24.70 1.52 28.54
C PHE A 267 -26.06 0.90 28.85
N GLY A 268 -26.38 0.73 30.14
CA GLY A 268 -27.60 0.03 30.51
C GLY A 268 -27.47 -1.45 30.21
N ASP A 269 -28.60 -2.12 29.98
CA ASP A 269 -28.57 -3.53 29.66
C ASP A 269 -28.17 -3.70 28.20
N ILE A 270 -27.10 -4.42 27.95
CA ILE A 270 -26.67 -4.66 26.57
C ILE A 270 -26.49 -6.15 26.28
N ASP A 271 -26.58 -6.50 25.01
CA ASP A 271 -26.37 -7.87 24.57
C ASP A 271 -25.34 -7.90 23.44
N SER A 272 -24.71 -6.76 23.22
CA SER A 272 -23.80 -6.62 22.08
C SER A 272 -22.45 -6.09 22.50
N ALA A 273 -21.45 -6.29 21.64
CA ALA A 273 -20.16 -5.63 21.83
C ALA A 273 -20.22 -4.19 21.38
N TYR A 274 -19.38 -3.37 22.01
CA TYR A 274 -19.22 -1.98 21.61
C TYR A 274 -17.75 -1.66 21.51
N ILE A 275 -17.43 -0.73 20.62
CA ILE A 275 -16.10 -0.15 20.56
C ILE A 275 -16.18 1.27 21.11
N VAL A 276 -15.31 1.60 22.06
CA VAL A 276 -15.17 2.96 22.55
C VAL A 276 -13.80 3.49 22.15
N LYS A 277 -13.77 4.62 21.47
CA LYS A 277 -12.52 5.27 21.09
C LYS A 277 -12.40 6.57 21.86
N VAL A 278 -11.32 6.71 22.63
CA VAL A 278 -11.12 7.87 23.48
C VAL A 278 -9.85 8.57 23.04
N VAL A 279 -9.93 9.88 22.83
CA VAL A 279 -8.73 10.66 22.58
C VAL A 279 -8.56 11.64 23.74
N SER A 280 -7.52 11.44 24.53
CA SER A 280 -7.28 12.27 25.70
C SER A 280 -5.93 12.94 25.56
N LYS A 281 -5.64 13.91 26.43
CA LYS A 281 -4.37 14.62 26.38
C LYS A 281 -3.41 14.02 27.39
N TYR A 282 -2.15 14.40 27.31
CA TYR A 282 -1.19 13.97 28.32
C TYR A 282 -0.16 15.06 28.52
N THR A 283 0.68 14.90 29.54
CA THR A 283 1.67 15.90 29.90
C THR A 283 2.81 15.92 28.89
N PRO A 284 3.06 17.09 28.26
CA PRO A 284 4.15 17.19 27.29
C PRO A 284 5.47 16.63 27.83
N GLY A 285 6.08 15.75 27.04
CA GLY A 285 7.33 15.12 27.41
C GLY A 285 7.18 13.79 28.12
N ALA A 286 5.98 13.48 28.58
CA ALA A 286 5.76 12.25 29.37
C ALA A 286 6.13 10.98 28.61
N GLU A 287 6.08 11.02 27.29
CA GLU A 287 6.42 9.84 26.50
C GLU A 287 7.89 9.44 26.67
N ASP A 288 8.75 10.41 26.99
CA ASP A 288 10.16 10.11 27.17
C ASP A 288 10.41 9.43 28.52
N ASP A 289 9.43 9.50 29.41
CA ASP A 289 9.51 8.82 30.70
C ASP A 289 8.57 7.62 30.73
N LEU A 290 7.96 7.32 29.58
CA LEU A 290 6.93 6.28 29.49
C LEU A 290 5.85 6.48 30.55
N ALA A 291 5.48 7.74 30.76
CA ALA A 291 4.55 8.10 31.82
C ALA A 291 3.16 8.46 31.30
N VAL A 292 2.70 7.70 30.32
CA VAL A 292 1.36 7.86 29.76
C VAL A 292 0.60 6.56 30.04
N GLN A 293 -0.45 6.66 30.86
CA GLN A 293 -1.15 5.47 31.35
C GLN A 293 -2.60 5.79 31.60
N GLN A 294 -3.47 4.88 31.17
CA GLN A 294 -4.90 5.10 31.26
C GLN A 294 -5.59 3.74 31.32
N GLY A 295 -6.62 3.64 32.15
CA GLY A 295 -7.28 2.37 32.36
C GLY A 295 -8.78 2.45 32.26
N VAL A 296 -9.39 1.28 32.12
CA VAL A 296 -10.83 1.18 31.99
C VAL A 296 -11.38 0.13 32.95
N ARG A 297 -12.58 0.39 33.43
CA ARG A 297 -13.31 -0.56 34.26
C ARG A 297 -14.70 -0.76 33.73
N MET A 298 -15.09 -2.02 33.59
CA MET A 298 -16.47 -2.39 33.25
C MET A 298 -17.15 -2.96 34.48
N THR A 299 -18.34 -2.44 34.78
CA THR A 299 -19.18 -2.92 35.87
C THR A 299 -20.49 -3.45 35.31
N THR A 300 -20.95 -4.59 35.82
CA THR A 300 -22.28 -5.12 35.51
C THR A 300 -22.89 -5.66 36.78
N THR A 301 -24.20 -5.87 36.74
CA THR A 301 -24.88 -6.53 37.85
C THR A 301 -25.04 -8.00 37.52
N ASN A 302 -24.54 -8.88 38.38
CA ASN A 302 -24.62 -10.31 38.11
C ASN A 302 -25.91 -10.93 38.65
N LYS A 303 -26.08 -12.21 38.43
CA LYS A 303 -27.34 -12.85 38.76
C LYS A 303 -27.55 -13.00 40.26
N TYR A 304 -26.52 -12.70 41.05
CA TYR A 304 -26.61 -12.76 42.50
C TYR A 304 -26.85 -11.39 43.11
N ASN A 305 -27.12 -10.41 42.24
CA ASN A 305 -27.47 -9.05 42.63
C ASN A 305 -26.35 -8.26 43.26
N TYR A 306 -25.10 -8.58 42.90
CA TYR A 306 -24.02 -7.67 43.24
C TYR A 306 -23.24 -7.35 41.98
N SER A 307 -22.27 -6.45 42.10
CA SER A 307 -21.52 -5.99 40.95
C SER A 307 -20.33 -6.88 40.64
N SER A 308 -20.11 -7.13 39.35
CA SER A 308 -18.89 -7.77 38.89
C SER A 308 -18.08 -6.74 38.09
N TYR A 309 -16.77 -6.77 38.28
CA TYR A 309 -15.87 -5.77 37.70
C TYR A 309 -14.82 -6.42 36.83
N ALA A 310 -14.43 -5.72 35.76
CA ALA A 310 -13.32 -6.16 34.94
C ALA A 310 -12.51 -4.91 34.59
N GLY A 311 -11.20 -5.01 34.70
CA GLY A 311 -10.37 -3.84 34.47
C GLY A 311 -9.25 -4.10 33.48
N TYR A 312 -8.76 -3.01 32.92
CA TYR A 312 -7.71 -3.10 31.90
C TYR A 312 -6.93 -1.78 31.87
N THR A 313 -5.60 -1.85 31.74
CA THR A 313 -4.76 -0.64 31.75
C THR A 313 -3.71 -0.68 30.66
N ASN A 314 -3.54 0.44 29.95
CA ASN A 314 -2.50 0.55 28.95
C ASN A 314 -1.43 1.52 29.34
N THR A 315 -0.22 1.24 28.88
N THR A 315 -0.21 1.23 28.88
CA THR A 315 0.92 2.14 29.03
CA THR A 315 0.93 2.13 28.99
C THR A 315 1.70 2.08 27.70
C THR A 315 1.64 2.19 27.65
N ILE A 316 2.82 2.78 27.64
CA ILE A 316 3.62 2.80 26.42
C ILE A 316 5.02 2.27 26.64
N LEU A 317 5.62 1.77 25.56
CA LEU A 317 7.01 1.34 25.53
C LEU A 317 7.67 2.00 24.32
N SER A 318 8.98 2.13 24.35
CA SER A 318 9.68 2.75 23.23
C SER A 318 10.93 1.98 22.86
N THR A 319 11.39 2.21 21.64
CA THR A 319 12.67 1.68 21.16
C THR A 319 13.38 2.76 20.38
N THR A 320 14.69 2.59 20.22
CA THR A 320 15.50 3.54 19.47
C THR A 320 16.47 2.77 18.57
N ASP A 321 16.41 3.05 17.27
CA ASP A 321 17.30 2.39 16.30
C ASP A 321 18.71 2.92 16.43
N SER A 322 19.67 2.17 15.91
CA SER A 322 21.05 2.65 15.87
C SER A 322 21.67 2.33 14.53
N GLY A 323 22.59 3.20 14.10
CA GLY A 323 23.31 3.00 12.85
C GLY A 323 24.70 3.58 13.02
N GLY A 324 25.70 2.71 12.94
CA GLY A 324 27.07 3.13 13.13
C GLY A 324 27.91 2.56 12.01
N GLY A 325 29.04 3.21 11.75
CA GLY A 325 29.98 2.72 10.77
C GLY A 325 31.34 3.34 11.01
N ASP A 326 32.31 2.97 10.18
CA ASP A 326 33.66 3.49 10.33
C ASP A 326 34.39 3.22 9.02
N GLY A 327 35.58 3.79 8.90
CA GLY A 327 36.36 3.63 7.71
C GLY A 327 37.72 4.21 7.96
N THR A 328 38.60 4.12 6.98
CA THR A 328 39.93 4.71 7.10
C THR A 328 40.05 5.84 6.09
N VAL A 329 40.81 6.88 6.46
CA VAL A 329 40.97 8.05 5.62
C VAL A 329 41.61 7.71 4.28
N LYS A 330 40.99 8.19 3.19
CA LYS A 330 41.60 8.15 1.87
C LYS A 330 42.83 9.05 1.83
N PRO A 331 43.96 8.53 1.34
CA PRO A 331 45.16 9.36 1.20
C PRO A 331 44.99 10.41 0.11
N GLY B 4 20.09 10.37 -49.88
CA GLY B 4 19.00 10.70 -48.96
C GLY B 4 18.74 9.56 -47.98
N SER B 5 17.71 9.72 -47.15
CA SER B 5 17.38 8.75 -46.10
C SER B 5 17.20 7.34 -46.66
N ASN B 6 17.65 6.36 -45.88
CA ASN B 6 17.64 4.97 -46.31
C ASN B 6 17.19 4.05 -45.19
N ASN B 7 16.31 3.10 -45.52
CA ASN B 7 16.04 1.97 -44.64
C ASN B 7 17.27 1.07 -44.61
N VAL B 8 17.93 0.99 -43.45
CA VAL B 8 19.16 0.22 -43.34
C VAL B 8 19.01 -1.01 -42.45
N ASN B 9 17.81 -1.59 -42.40
CA ASN B 9 17.63 -2.80 -41.62
C ASN B 9 18.62 -3.89 -42.04
N ASP B 10 18.96 -3.93 -43.32
CA ASP B 10 19.91 -4.93 -43.81
C ASP B 10 21.35 -4.67 -43.34
N LEU B 11 21.60 -3.47 -42.80
CA LEU B 11 22.91 -3.13 -42.25
C LEU B 11 22.95 -3.28 -40.73
N ILE B 12 21.82 -3.73 -40.17
CA ILE B 12 21.72 -3.99 -38.74
C ILE B 12 21.87 -5.49 -38.49
N THR B 13 22.80 -5.86 -37.63
CA THR B 13 23.04 -7.25 -37.30
C THR B 13 22.51 -7.51 -35.90
N VAL B 14 21.38 -8.19 -35.81
CA VAL B 14 20.79 -8.51 -34.53
C VAL B 14 21.49 -9.72 -33.94
N THR B 15 22.14 -9.51 -32.81
CA THR B 15 22.98 -10.55 -32.23
C THR B 15 22.28 -11.31 -31.11
N LYS B 16 21.25 -10.70 -30.53
CA LYS B 16 20.55 -11.30 -29.40
C LYS B 16 19.14 -10.76 -29.28
N GLN B 17 18.19 -11.64 -28.96
CA GLN B 17 16.79 -11.29 -28.87
C GLN B 17 16.11 -12.11 -27.80
N MET B 18 15.35 -11.45 -26.92
CA MET B 18 14.52 -12.23 -26.02
C MET B 18 13.28 -11.48 -25.55
N ILE B 19 12.24 -12.25 -25.27
CA ILE B 19 10.99 -11.75 -24.73
C ILE B 19 10.85 -12.31 -23.32
N THR B 20 10.71 -11.42 -22.34
CA THR B 20 10.57 -11.86 -20.96
C THR B 20 9.41 -11.15 -20.29
N GLU B 21 9.12 -11.52 -19.05
CA GLU B 21 7.97 -10.96 -18.35
C GLU B 21 8.39 -10.04 -17.21
N GLY B 22 7.55 -9.05 -16.94
CA GLY B 22 7.90 -7.98 -16.02
C GLY B 22 7.79 -8.31 -14.55
N ILE B 23 6.97 -9.30 -14.20
CA ILE B 23 6.78 -9.61 -12.77
C ILE B 23 7.19 -11.04 -12.43
N LYS B 24 6.71 -12.01 -13.19
CA LYS B 24 7.09 -13.40 -12.96
C LYS B 24 7.13 -14.16 -14.27
N ASP B 25 8.24 -14.85 -14.52
CA ASP B 25 8.42 -15.58 -15.78
C ASP B 25 7.75 -16.96 -15.74
N ASP B 26 6.42 -16.96 -15.78
CA ASP B 26 5.66 -18.20 -15.65
C ASP B 26 4.83 -18.50 -16.90
N GLY B 27 5.02 -17.70 -17.95
CA GLY B 27 4.31 -17.90 -19.20
C GLY B 27 2.89 -17.36 -19.16
N VAL B 28 2.54 -16.69 -18.07
CA VAL B 28 1.22 -16.08 -17.92
C VAL B 28 1.35 -14.58 -17.66
N ILE B 29 0.76 -13.78 -18.55
CA ILE B 29 0.73 -12.33 -18.36
C ILE B 29 -0.45 -11.93 -17.49
N GLN B 30 -0.17 -11.50 -16.27
CA GLN B 30 -1.22 -11.00 -15.38
C GLN B 30 -1.49 -9.54 -15.70
N ALA B 31 -2.27 -9.33 -16.75
CA ALA B 31 -2.49 -7.99 -17.29
C ALA B 31 -3.16 -7.04 -16.29
N HIS B 32 -4.03 -7.55 -15.44
CA HIS B 32 -4.69 -6.67 -14.47
C HIS B 32 -3.87 -6.48 -13.19
N ASP B 33 -2.77 -7.22 -13.06
CA ASP B 33 -1.74 -6.88 -12.06
C ASP B 33 -0.75 -5.91 -12.66
N GLY B 34 -0.97 -5.51 -13.90
CA GLY B 34 -0.07 -4.57 -14.55
C GLY B 34 1.22 -5.20 -15.02
N GLU B 35 1.23 -6.50 -15.27
CA GLU B 35 2.46 -7.15 -15.68
C GLU B 35 2.83 -6.77 -17.11
N HIS B 36 4.02 -6.21 -17.28
CA HIS B 36 4.49 -5.84 -18.61
C HIS B 36 5.27 -6.96 -19.27
N ILE B 37 5.44 -6.80 -20.59
CA ILE B 37 6.26 -7.69 -21.40
C ILE B 37 7.53 -6.92 -21.74
N ILE B 38 8.68 -7.61 -21.70
CA ILE B 38 9.96 -6.96 -21.96
C ILE B 38 10.60 -7.56 -23.20
N TYR B 39 10.83 -6.72 -24.21
CA TYR B 39 11.51 -7.17 -25.40
C TYR B 39 12.88 -6.52 -25.43
N THR B 40 13.92 -7.34 -25.35
N THR B 40 13.92 -7.33 -25.34
CA THR B 40 15.28 -6.84 -25.41
CA THR B 40 15.28 -6.78 -25.39
C THR B 40 15.98 -7.35 -26.65
C THR B 40 16.02 -7.34 -26.60
N SER B 41 16.74 -6.47 -27.30
CA SER B 41 17.50 -6.89 -28.46
C SER B 41 18.82 -6.12 -28.51
N ASP B 42 19.87 -6.86 -28.88
CA ASP B 42 21.21 -6.31 -29.03
C ASP B 42 21.51 -6.32 -30.51
N PHE B 43 22.13 -5.27 -31.02
CA PHE B 43 22.44 -5.28 -32.44
C PHE B 43 23.64 -4.41 -32.77
N LYS B 44 24.33 -4.80 -33.84
CA LYS B 44 25.41 -3.99 -34.37
C LYS B 44 24.88 -3.14 -35.50
N ILE B 45 25.48 -1.97 -35.65
CA ILE B 45 25.12 -1.01 -36.65
C ILE B 45 26.32 -0.85 -37.57
N ASP B 46 26.18 -1.25 -38.83
CA ASP B 46 27.33 -1.25 -39.74
C ASP B 46 27.91 0.15 -39.93
N ASN B 47 29.21 0.23 -40.15
CA ASN B 47 29.85 1.51 -40.42
C ASN B 47 29.28 2.26 -41.63
N ALA B 48 28.65 1.56 -42.57
CA ALA B 48 28.05 2.22 -43.72
C ALA B 48 26.81 3.04 -43.35
N VAL B 49 26.23 2.78 -42.18
CA VAL B 49 25.07 3.54 -41.77
C VAL B 49 25.46 5.01 -41.56
N LYS B 50 24.64 5.94 -42.07
CA LYS B 50 24.93 7.36 -41.94
C LYS B 50 23.77 8.12 -41.31
N ALA B 51 24.00 9.39 -40.97
CA ALA B 51 22.96 10.22 -40.35
C ALA B 51 21.71 10.26 -41.23
N GLY B 52 20.57 10.04 -40.60
CA GLY B 52 19.31 10.10 -41.31
C GLY B 52 18.80 8.74 -41.76
N ASP B 53 19.67 7.74 -41.81
CA ASP B 53 19.21 6.37 -42.09
C ASP B 53 18.28 5.88 -40.98
N THR B 54 17.44 4.91 -41.31
CA THR B 54 16.46 4.43 -40.35
C THR B 54 16.48 2.91 -40.19
N MET B 55 16.06 2.45 -39.01
CA MET B 55 15.82 1.03 -38.77
C MET B 55 14.48 0.91 -38.07
N THR B 56 13.88 -0.28 -38.10
CA THR B 56 12.61 -0.47 -37.41
C THR B 56 12.67 -1.51 -36.31
N VAL B 57 11.75 -1.35 -35.35
CA VAL B 57 11.53 -2.32 -34.30
C VAL B 57 10.03 -2.54 -34.24
N LYS B 58 9.59 -3.79 -34.32
CA LYS B 58 8.16 -4.07 -34.37
C LYS B 58 7.64 -4.76 -33.11
N TYR B 59 6.53 -4.22 -32.57
CA TYR B 59 5.83 -4.82 -31.44
C TYR B 59 4.87 -5.89 -31.92
N ASP B 60 4.60 -6.87 -31.08
CA ASP B 60 3.51 -7.79 -31.40
C ASP B 60 2.20 -7.02 -31.46
N LYS B 61 1.33 -7.39 -32.40
CA LYS B 61 0.07 -6.66 -32.59
C LYS B 61 -0.81 -6.64 -31.35
N HIS B 62 -0.61 -7.58 -30.42
CA HIS B 62 -1.44 -7.66 -29.21
C HIS B 62 -0.89 -6.86 -28.06
N THR B 63 0.20 -6.11 -28.32
CA THR B 63 0.86 -5.37 -27.26
C THR B 63 0.88 -3.88 -27.58
N ILE B 64 1.18 -3.07 -26.57
CA ILE B 64 1.15 -1.62 -26.73
C ILE B 64 2.11 -1.01 -25.70
N PRO B 65 2.88 0.02 -26.11
CA PRO B 65 3.90 0.56 -25.19
C PRO B 65 3.32 1.07 -23.89
N SER B 66 2.15 1.70 -23.95
CA SER B 66 1.49 2.19 -22.75
C SER B 66 0.04 1.76 -22.75
N ASP B 67 -0.38 1.16 -21.64
CA ASP B 67 -1.74 0.64 -21.47
C ASP B 67 -2.73 1.79 -21.32
N ILE B 68 -2.44 2.73 -20.42
CA ILE B 68 -3.46 3.74 -20.10
C ILE B 68 -3.14 5.18 -20.51
N THR B 69 -1.95 5.44 -21.07
CA THR B 69 -1.71 6.76 -21.66
C THR B 69 -1.53 6.68 -23.17
N ASP B 70 -1.79 7.80 -23.84
CA ASP B 70 -1.70 7.88 -25.29
C ASP B 70 -0.45 8.61 -25.77
N ASP B 71 0.46 8.90 -24.84
CA ASP B 71 1.55 9.84 -25.11
C ASP B 71 2.92 9.22 -25.34
N PHE B 72 2.95 8.00 -25.88
CA PHE B 72 4.22 7.29 -26.00
C PHE B 72 5.17 7.88 -27.04
N THR B 73 6.37 8.19 -26.57
CA THR B 73 7.48 8.55 -27.42
C THR B 73 8.61 7.57 -27.15
N PRO B 74 9.15 6.92 -28.19
CA PRO B 74 10.28 6.02 -27.97
C PRO B 74 11.46 6.69 -27.28
N VAL B 75 12.14 5.91 -26.44
CA VAL B 75 13.33 6.41 -25.77
C VAL B 75 14.45 6.65 -26.79
N ASP B 76 15.24 7.69 -26.58
CA ASP B 76 16.45 7.86 -27.37
C ASP B 76 17.36 6.67 -27.15
N ILE B 77 18.13 6.31 -28.17
CA ILE B 77 19.28 5.44 -27.96
C ILE B 77 20.44 6.37 -27.66
N THR B 78 21.07 6.23 -26.49
CA THR B 78 22.15 7.14 -26.10
C THR B 78 23.43 6.40 -25.80
N ASP B 79 24.56 7.10 -25.90
CA ASP B 79 25.82 6.46 -25.57
C ASP B 79 26.07 6.74 -24.06
N PRO B 80 27.19 6.24 -23.49
CA PRO B 80 27.35 6.35 -22.04
C PRO B 80 27.40 7.78 -21.48
N SER B 81 27.78 8.77 -22.29
CA SER B 81 27.85 10.14 -21.80
C SER B 81 26.60 10.92 -22.18
N GLY B 82 25.66 10.28 -22.87
CA GLY B 82 24.42 10.93 -23.22
C GLY B 82 24.28 11.39 -24.67
N GLU B 83 25.28 11.09 -25.50
CA GLU B 83 25.18 11.45 -26.91
C GLU B 83 24.05 10.64 -27.51
N VAL B 84 23.18 11.29 -28.29
CA VAL B 84 22.08 10.57 -28.91
C VAL B 84 22.55 9.88 -30.18
N ILE B 85 22.34 8.56 -30.23
CA ILE B 85 22.69 7.74 -31.37
C ILE B 85 21.54 7.67 -32.37
N ALA B 86 20.32 7.53 -31.86
CA ALA B 86 19.13 7.48 -32.72
C ALA B 86 17.93 8.08 -31.99
N LYS B 87 17.05 8.70 -32.77
CA LYS B 87 15.76 9.22 -32.28
C LYS B 87 14.67 8.31 -32.80
N GLY B 88 13.71 7.99 -31.94
CA GLY B 88 12.64 7.09 -32.33
C GLY B 88 11.26 7.72 -32.44
N THR B 89 10.49 7.27 -33.42
CA THR B 89 9.09 7.66 -33.54
C THR B 89 8.22 6.41 -33.63
N PHE B 90 7.05 6.47 -33.03
CA PHE B 90 6.18 5.30 -32.93
C PHE B 90 4.93 5.49 -33.77
N ASP B 91 4.56 4.45 -34.51
CA ASP B 91 3.32 4.41 -35.26
C ASP B 91 2.40 3.37 -34.62
N LEU B 92 1.27 3.83 -34.07
CA LEU B 92 0.35 2.96 -33.34
C LEU B 92 -0.26 1.89 -34.23
N ASN B 93 -0.64 2.26 -35.44
CA ASN B 93 -1.28 1.32 -36.34
C ASN B 93 -0.40 0.15 -36.72
N THR B 94 0.85 0.45 -37.05
CA THR B 94 1.78 -0.61 -37.45
C THR B 94 2.53 -1.14 -36.24
N LYS B 95 2.27 -0.57 -35.07
CA LYS B 95 2.94 -0.94 -33.81
C LYS B 95 4.45 -1.04 -34.04
N THR B 96 5.01 -0.02 -34.66
CA THR B 96 6.40 -0.04 -35.11
C THR B 96 7.12 1.25 -34.71
N ILE B 97 8.31 1.10 -34.14
CA ILE B 97 9.20 2.23 -33.92
C ILE B 97 10.16 2.34 -35.10
N THR B 98 10.27 3.54 -35.64
CA THR B 98 11.32 3.83 -36.60
C THR B 98 12.39 4.64 -35.88
N TYR B 99 13.59 4.08 -35.78
CA TYR B 99 14.72 4.80 -35.19
C TYR B 99 15.54 5.43 -36.30
N LYS B 100 15.80 6.73 -36.17
CA LYS B 100 16.53 7.48 -37.19
C LYS B 100 17.86 7.93 -36.62
N PHE B 101 18.96 7.50 -37.24
CA PHE B 101 20.29 7.77 -36.72
C PHE B 101 20.69 9.23 -36.87
N THR B 102 21.35 9.74 -35.83
CA THR B 102 21.96 11.07 -35.84
C THR B 102 23.34 11.01 -36.45
N ASP B 103 24.03 12.14 -36.43
CA ASP B 103 25.40 12.16 -36.97
C ASP B 103 26.40 11.48 -36.02
N TYR B 104 25.90 10.92 -34.92
CA TYR B 104 26.71 10.05 -34.09
C TYR B 104 27.37 8.97 -34.97
N VAL B 105 26.61 8.39 -35.91
CA VAL B 105 27.15 7.29 -36.70
C VAL B 105 28.09 7.78 -37.80
N ASP B 106 28.23 9.10 -37.94
CA ASP B 106 29.22 9.65 -38.85
C ASP B 106 30.50 10.03 -38.11
N ARG B 107 30.40 10.22 -36.80
CA ARG B 107 31.57 10.54 -35.98
C ARG B 107 32.21 9.32 -35.32
N TYR B 108 31.43 8.25 -35.14
CA TYR B 108 31.93 7.04 -34.49
C TYR B 108 31.77 5.84 -35.42
N GLU B 109 32.49 4.77 -35.10
CA GLU B 109 32.35 3.50 -35.82
C GLU B 109 32.24 2.36 -34.82
N ASN B 110 32.10 1.13 -35.30
CA ASN B 110 31.88 -0.02 -34.42
C ASN B 110 30.72 0.21 -33.47
N VAL B 111 29.69 0.87 -33.97
CA VAL B 111 28.55 1.23 -33.14
C VAL B 111 27.71 0.00 -32.91
N ASN B 112 27.28 -0.17 -31.66
CA ASN B 112 26.34 -1.23 -31.32
C ASN B 112 25.33 -0.66 -30.34
N ALA B 113 24.19 -1.33 -30.17
CA ALA B 113 23.19 -0.81 -29.24
C ALA B 113 22.42 -1.94 -28.59
N LYS B 114 21.74 -1.58 -27.50
CA LYS B 114 20.88 -2.52 -26.79
C LYS B 114 19.57 -1.81 -26.45
N LEU B 115 18.46 -2.42 -26.85
CA LEU B 115 17.15 -1.82 -26.71
C LEU B 115 16.31 -2.67 -25.78
N GLU B 116 15.78 -2.09 -24.70
CA GLU B 116 14.87 -2.81 -23.82
C GLU B 116 13.52 -2.12 -23.84
N LEU B 117 12.56 -2.76 -24.52
CA LEU B 117 11.25 -2.14 -24.74
C LEU B 117 10.18 -2.84 -23.91
N ASN B 118 9.48 -2.05 -23.12
CA ASN B 118 8.39 -2.56 -22.30
C ASN B 118 7.06 -2.36 -22.99
N SER B 119 6.17 -3.33 -22.85
CA SER B 119 4.85 -3.17 -23.41
C SER B 119 3.83 -3.87 -22.53
N TYR B 120 2.57 -3.56 -22.77
CA TYR B 120 1.46 -4.18 -22.06
C TYR B 120 0.51 -4.84 -23.03
N ILE B 121 -0.30 -5.76 -22.53
CA ILE B 121 -1.35 -6.32 -23.36
C ILE B 121 -2.26 -5.19 -23.83
N ASP B 122 -2.51 -5.15 -25.12
CA ASP B 122 -3.42 -4.18 -25.71
C ASP B 122 -4.84 -4.69 -25.55
N LYS B 123 -5.59 -4.11 -24.61
CA LYS B 123 -6.92 -4.64 -24.29
C LYS B 123 -7.90 -4.53 -25.47
N LYS B 124 -7.59 -3.69 -26.45
CA LYS B 124 -8.44 -3.60 -27.62
C LYS B 124 -8.29 -4.85 -28.46
N GLU B 125 -7.06 -5.37 -28.51
CA GLU B 125 -6.77 -6.53 -29.34
C GLU B 125 -7.00 -7.84 -28.61
N VAL B 126 -7.13 -7.73 -27.28
CA VAL B 126 -7.29 -8.88 -26.41
C VAL B 126 -8.45 -8.64 -25.44
N PRO B 127 -9.69 -8.69 -25.93
CA PRO B 127 -10.84 -8.37 -25.07
C PRO B 127 -11.09 -9.42 -23.97
N ASN B 128 -10.69 -10.67 -24.24
CA ASN B 128 -10.87 -11.74 -23.26
C ASN B 128 -9.62 -12.58 -23.11
N GLU B 129 -9.58 -13.41 -22.07
CA GLU B 129 -8.43 -14.30 -21.83
C GLU B 129 -8.18 -15.18 -23.04
N THR B 130 -6.91 -15.39 -23.35
CA THR B 130 -6.56 -16.13 -24.55
C THR B 130 -5.09 -16.54 -24.50
N ASN B 131 -4.73 -17.58 -25.26
CA ASN B 131 -3.33 -17.84 -25.55
C ASN B 131 -2.90 -16.94 -26.70
N LEU B 132 -1.64 -16.52 -26.65
CA LEU B 132 -1.07 -15.70 -27.70
C LEU B 132 0.30 -16.22 -28.07
N ASN B 133 0.63 -16.19 -29.36
CA ASN B 133 2.00 -16.36 -29.79
C ASN B 133 2.54 -14.99 -30.12
N LEU B 134 3.34 -14.43 -29.21
CA LEU B 134 3.88 -13.09 -29.38
C LEU B 134 5.04 -13.12 -30.34
N THR B 135 5.08 -12.17 -31.27
CA THR B 135 6.23 -12.04 -32.15
C THR B 135 6.71 -10.59 -32.17
N PHE B 136 7.97 -10.40 -31.81
CA PHE B 136 8.62 -9.10 -31.88
C PHE B 136 9.72 -9.15 -32.94
N ALA B 137 10.14 -7.99 -33.43
CA ALA B 137 11.20 -7.94 -34.43
C ALA B 137 12.10 -6.72 -34.28
N THR B 138 13.38 -6.92 -34.59
CA THR B 138 14.33 -5.82 -34.71
C THR B 138 14.95 -5.95 -36.10
N ALA B 139 14.86 -4.88 -36.89
CA ALA B 139 15.40 -4.83 -38.24
C ALA B 139 14.98 -6.07 -39.05
N ASP B 140 13.69 -6.40 -38.94
CA ASP B 140 13.02 -7.49 -39.65
C ASP B 140 13.36 -8.89 -39.16
N LYS B 141 14.16 -9.00 -38.11
CA LYS B 141 14.46 -10.31 -37.58
C LYS B 141 13.53 -10.61 -36.41
N GLU B 142 12.75 -11.68 -36.54
CA GLU B 142 11.66 -11.97 -35.61
C GLU B 142 12.04 -12.97 -34.53
N THR B 143 11.42 -12.83 -33.36
CA THR B 143 11.53 -13.82 -32.31
C THR B 143 10.15 -13.96 -31.67
N SER B 144 9.84 -15.15 -31.18
CA SER B 144 8.50 -15.44 -30.71
C SER B 144 8.45 -16.07 -29.32
N LYS B 145 7.30 -15.91 -28.66
CA LYS B 145 7.09 -16.52 -27.35
C LYS B 145 5.61 -16.75 -27.09
N ASN B 146 5.27 -17.94 -26.64
CA ASN B 146 3.87 -18.24 -26.31
C ASN B 146 3.53 -17.75 -24.91
N VAL B 147 2.43 -17.02 -24.77
CA VAL B 147 1.96 -16.66 -23.44
C VAL B 147 0.46 -16.87 -23.30
N LYS B 148 0.02 -16.90 -22.06
CA LYS B 148 -1.39 -16.94 -21.69
C LYS B 148 -1.75 -15.60 -21.04
N VAL B 149 -2.79 -14.93 -21.54
CA VAL B 149 -3.24 -13.68 -20.93
C VAL B 149 -4.34 -13.95 -19.92
N GLU B 150 -4.10 -13.53 -18.69
CA GLU B 150 -5.12 -13.64 -17.66
C GLU B 150 -5.61 -12.28 -17.20
N TYR B 151 -6.92 -12.19 -16.97
CA TYR B 151 -7.55 -11.01 -16.44
C TYR B 151 -8.15 -11.30 -15.07
N GLN B 152 -8.64 -10.25 -14.40
CA GLN B 152 -9.10 -10.40 -13.02
C GLN B 152 -10.51 -11.00 -12.92
N LYS B 153 -10.90 -11.33 -11.68
CA LYS B 153 -12.23 -11.85 -11.38
C LYS B 153 -12.87 -10.93 -10.33
N PRO B 154 -14.21 -10.93 -10.24
CA PRO B 154 -14.85 -10.03 -9.27
C PRO B 154 -14.72 -10.54 -7.83
N ILE B 155 -14.72 -9.63 -6.86
CA ILE B 155 -14.89 -10.01 -5.46
C ILE B 155 -16.37 -10.27 -5.25
N VAL B 156 -16.69 -11.35 -4.54
CA VAL B 156 -18.07 -11.74 -4.29
C VAL B 156 -18.33 -11.94 -2.80
N LYS B 157 -19.32 -11.25 -2.27
CA LYS B 157 -19.76 -11.44 -0.88
C LYS B 157 -21.27 -11.34 -0.84
N ASP B 158 -21.94 -12.50 -0.72
CA ASP B 158 -23.38 -12.57 -0.89
C ASP B 158 -23.77 -11.94 -2.22
N GLU B 159 -24.63 -10.92 -2.23
CA GLU B 159 -24.98 -10.31 -3.51
C GLU B 159 -24.11 -9.10 -3.90
N SER B 160 -23.15 -8.74 -3.05
CA SER B 160 -22.20 -7.70 -3.41
C SER B 160 -21.11 -8.29 -4.29
N ASN B 161 -20.97 -7.79 -5.50
CA ASN B 161 -19.97 -8.33 -6.42
C ASN B 161 -19.55 -7.23 -7.38
N ILE B 162 -18.25 -7.01 -7.49
CA ILE B 162 -17.72 -5.84 -8.18
C ILE B 162 -16.30 -6.08 -8.65
N GLN B 163 -15.87 -5.31 -9.65
CA GLN B 163 -14.48 -5.25 -10.10
C GLN B 163 -14.25 -3.95 -10.86
N SER B 164 -12.99 -3.56 -10.99
CA SER B 164 -12.66 -2.30 -11.62
C SER B 164 -11.23 -2.27 -12.14
N ILE B 165 -11.00 -1.39 -13.13
CA ILE B 165 -9.64 -1.03 -13.56
C ILE B 165 -9.56 0.47 -13.76
N PHE B 166 -8.34 0.98 -13.75
CA PHE B 166 -8.09 2.27 -14.37
C PHE B 166 -8.00 2.06 -15.87
N SER B 167 -8.84 2.75 -16.63
CA SER B 167 -8.88 2.53 -18.07
C SER B 167 -8.26 3.66 -18.90
N HIS B 168 -7.87 4.75 -18.24
CA HIS B 168 -7.17 5.83 -18.93
C HIS B 168 -6.52 6.74 -17.92
N LEU B 169 -5.44 7.36 -18.36
CA LEU B 169 -4.72 8.34 -17.56
C LEU B 169 -4.29 9.47 -18.49
N ASP B 170 -4.62 10.70 -18.12
CA ASP B 170 -4.24 11.89 -18.87
C ASP B 170 -3.35 12.73 -17.99
N THR B 171 -2.05 12.75 -18.28
CA THR B 171 -1.10 13.43 -17.41
C THR B 171 -1.02 14.92 -17.70
N THR B 172 -1.69 15.38 -18.77
N THR B 172 -1.70 15.38 -18.75
CA THR B 172 -1.75 16.81 -19.08
CA THR B 172 -1.75 16.81 -19.04
C THR B 172 -2.90 17.46 -18.34
C THR B 172 -2.92 17.48 -18.34
N LYS B 173 -4.06 16.80 -18.32
CA LYS B 173 -5.24 17.33 -17.65
C LYS B 173 -5.42 16.75 -16.24
N HIS B 174 -4.51 15.86 -15.83
CA HIS B 174 -4.52 15.25 -14.51
C HIS B 174 -5.84 14.57 -14.20
N GLU B 175 -6.24 13.73 -15.15
CA GLU B 175 -7.46 12.95 -15.05
C GLU B 175 -7.14 11.49 -15.08
N VAL B 176 -7.89 10.73 -14.30
CA VAL B 176 -7.79 9.28 -14.34
C VAL B 176 -9.20 8.72 -14.51
N GLU B 177 -9.33 7.70 -15.36
CA GLU B 177 -10.62 7.09 -15.64
C GLU B 177 -10.68 5.70 -15.03
N GLN B 178 -11.76 5.45 -14.30
CA GLN B 178 -11.97 4.13 -13.71
C GLN B 178 -13.24 3.50 -14.31
N THR B 179 -13.09 2.27 -14.80
CA THR B 179 -14.22 1.51 -15.34
C THR B 179 -14.58 0.42 -14.35
N ILE B 180 -15.80 0.49 -13.85
CA ILE B 180 -16.28 -0.40 -12.78
C ILE B 180 -17.38 -1.30 -13.30
N TYR B 181 -17.25 -2.60 -13.06
CA TYR B 181 -18.34 -3.55 -13.34
C TYR B 181 -19.10 -3.78 -12.04
N VAL B 182 -20.33 -3.27 -11.97
CA VAL B 182 -21.19 -3.44 -10.81
C VAL B 182 -22.11 -4.64 -11.04
N ASN B 183 -22.15 -5.57 -10.08
CA ASN B 183 -23.03 -6.75 -10.18
C ASN B 183 -22.84 -7.53 -11.50
N PRO B 184 -21.58 -7.85 -11.88
CA PRO B 184 -21.45 -8.57 -13.15
C PRO B 184 -22.13 -9.94 -13.12
N LEU B 185 -22.30 -10.51 -11.92
CA LEU B 185 -22.99 -11.79 -11.79
C LEU B 185 -24.51 -11.68 -12.02
N LYS B 186 -25.01 -10.47 -12.23
CA LYS B 186 -26.43 -10.24 -12.51
C LYS B 186 -27.34 -10.77 -11.40
N LEU B 187 -26.95 -10.53 -10.16
CA LEU B 187 -27.69 -11.01 -9.01
C LEU B 187 -28.83 -10.08 -8.64
N ASN B 188 -29.75 -10.58 -7.82
CA ASN B 188 -30.78 -9.75 -7.22
C ASN B 188 -30.20 -9.05 -6.01
N ALA B 189 -29.60 -7.89 -6.27
CA ALA B 189 -28.88 -7.16 -5.24
C ALA B 189 -29.77 -6.09 -4.64
N LYS B 190 -30.12 -6.28 -3.36
CA LYS B 190 -31.03 -5.42 -2.63
C LYS B 190 -30.31 -4.21 -2.03
N ASN B 191 -30.95 -3.03 -2.13
CA ASN B 191 -30.40 -1.80 -1.55
C ASN B 191 -28.96 -1.56 -1.97
N THR B 192 -28.70 -1.67 -3.26
CA THR B 192 -27.34 -1.56 -3.78
C THR B 192 -26.80 -0.15 -3.80
N ASN B 193 -25.69 0.06 -3.11
CA ASN B 193 -24.95 1.31 -3.19
C ASN B 193 -23.54 1.03 -3.65
N VAL B 194 -23.01 1.92 -4.47
CA VAL B 194 -21.62 1.82 -4.87
C VAL B 194 -20.91 3.12 -4.54
N THR B 195 -19.91 3.02 -3.68
CA THR B 195 -19.17 4.17 -3.21
C THR B 195 -17.81 4.18 -3.86
N ILE B 196 -17.43 5.33 -4.42
CA ILE B 196 -16.13 5.50 -5.06
C ILE B 196 -15.33 6.52 -4.24
N LYS B 197 -14.12 6.15 -3.87
CA LYS B 197 -13.33 7.00 -2.97
C LYS B 197 -11.85 7.03 -3.32
N SER B 198 -11.22 8.16 -3.00
CA SER B 198 -9.78 8.30 -3.06
C SER B 198 -9.13 7.31 -2.13
N GLY B 199 -8.02 6.71 -2.55
CA GLY B 199 -7.36 5.71 -1.73
C GLY B 199 -7.91 4.30 -1.88
N GLY B 200 -7.94 3.55 -0.78
CA GLY B 200 -8.25 2.14 -0.85
C GLY B 200 -9.59 1.69 -0.31
N VAL B 201 -10.11 0.64 -0.94
CA VAL B 201 -11.20 -0.16 -0.41
C VAL B 201 -10.74 -1.60 -0.46
N ALA B 202 -10.76 -2.28 0.68
CA ALA B 202 -10.24 -3.65 0.76
C ALA B 202 -11.27 -4.62 0.21
N ASP B 203 -10.88 -5.88 0.00
CA ASP B 203 -11.79 -6.89 -0.52
C ASP B 203 -13.10 -6.98 0.28
N ASN B 204 -12.99 -6.80 1.59
CA ASN B 204 -14.17 -6.91 2.46
C ASN B 204 -14.91 -5.60 2.61
N GLY B 205 -14.58 -4.61 1.79
CA GLY B 205 -15.25 -3.32 1.84
C GLY B 205 -14.57 -2.29 2.73
N ASP B 206 -13.60 -2.71 3.54
CA ASP B 206 -12.96 -1.80 4.50
C ASP B 206 -12.26 -0.65 3.82
N TYR B 207 -12.50 0.55 4.31
CA TYR B 207 -11.78 1.71 3.79
C TYR B 207 -10.37 1.74 4.36
N TYR B 208 -9.38 2.01 3.52
CA TYR B 208 -8.03 2.20 4.02
C TYR B 208 -7.37 3.35 3.28
N THR B 209 -6.42 4.00 3.94
CA THR B 209 -5.80 5.21 3.40
C THR B 209 -5.05 4.94 2.11
N GLY B 210 -4.22 3.91 2.12
CA GLY B 210 -3.51 3.50 0.92
C GLY B 210 -2.25 4.30 0.60
N ASP B 211 -1.74 4.12 -0.62
CA ASP B 211 -0.50 4.76 -1.04
C ASP B 211 -0.71 5.81 -2.12
N GLY B 212 -1.96 6.07 -2.47
CA GLY B 212 -2.25 7.05 -3.50
C GLY B 212 -3.58 7.72 -3.27
N SER B 213 -3.92 8.66 -4.14
CA SER B 213 -5.12 9.46 -3.95
C SER B 213 -5.68 9.98 -5.27
N THR B 214 -6.92 10.44 -5.21
CA THR B 214 -7.59 11.13 -6.31
C THR B 214 -8.47 12.20 -5.72
N ILE B 215 -8.98 13.05 -6.59
CA ILE B 215 -9.83 14.17 -6.23
C ILE B 215 -11.23 13.91 -6.76
N ILE B 216 -12.19 13.76 -5.85
CA ILE B 216 -13.57 13.47 -6.21
C ILE B 216 -14.47 14.54 -5.61
N ASP B 217 -15.29 15.16 -6.45
CA ASP B 217 -16.19 16.23 -6.00
C ASP B 217 -17.33 16.42 -6.99
N SER B 218 -18.04 17.53 -6.87
CA SER B 218 -19.21 17.76 -7.70
C SER B 218 -18.89 17.86 -9.21
N ASN B 219 -17.62 18.03 -9.55
CA ASN B 219 -17.22 18.11 -10.95
C ASN B 219 -16.62 16.80 -11.48
N THR B 220 -16.66 15.76 -10.65
CA THR B 220 -16.28 14.43 -11.11
C THR B 220 -17.27 13.98 -12.17
N GLU B 221 -16.78 13.34 -13.22
CA GLU B 221 -17.66 12.83 -14.25
C GLU B 221 -18.02 11.38 -13.93
N ILE B 222 -19.31 11.09 -13.90
CA ILE B 222 -19.77 9.72 -13.65
C ILE B 222 -20.86 9.38 -14.65
N LYS B 223 -20.63 8.33 -15.44
CA LYS B 223 -21.65 7.84 -16.33
C LYS B 223 -21.99 6.41 -15.93
N VAL B 224 -23.26 6.04 -16.05
CA VAL B 224 -23.70 4.72 -15.63
C VAL B 224 -24.48 4.06 -16.77
N TYR B 225 -24.11 2.83 -17.09
CA TYR B 225 -24.75 2.08 -18.18
C TYR B 225 -25.32 0.79 -17.65
N LYS B 226 -26.52 0.45 -18.12
CA LYS B 226 -27.14 -0.82 -17.74
C LYS B 226 -26.81 -1.89 -18.77
N VAL B 227 -26.47 -3.07 -18.29
CA VAL B 227 -26.08 -4.19 -19.12
C VAL B 227 -27.28 -5.12 -19.26
N ALA B 228 -27.62 -5.46 -20.51
CA ALA B 228 -28.77 -6.33 -20.79
C ALA B 228 -28.51 -7.75 -20.28
N SER B 229 -29.60 -8.48 -19.98
CA SER B 229 -29.49 -9.86 -19.54
C SER B 229 -28.67 -10.67 -20.53
N GLY B 230 -28.85 -10.39 -21.81
CA GLY B 230 -28.14 -11.08 -22.88
C GLY B 230 -26.81 -10.50 -23.31
N GLN B 231 -26.27 -9.58 -22.52
CA GLN B 231 -24.96 -9.00 -22.83
C GLN B 231 -23.89 -9.52 -21.88
N GLN B 232 -22.77 -9.95 -22.46
CA GLN B 232 -21.61 -10.41 -21.69
C GLN B 232 -20.49 -9.38 -21.81
N LEU B 233 -19.91 -9.00 -20.67
CA LEU B 233 -18.87 -7.97 -20.64
C LEU B 233 -17.49 -8.52 -20.97
N PRO B 234 -16.62 -7.71 -21.61
CA PRO B 234 -15.26 -8.16 -21.91
C PRO B 234 -14.45 -8.41 -20.63
N GLN B 235 -13.67 -9.49 -20.60
CA GLN B 235 -12.89 -9.80 -19.41
C GLN B 235 -11.79 -8.77 -19.16
N SER B 236 -11.39 -8.06 -20.21
CA SER B 236 -10.38 -7.00 -20.08
C SER B 236 -10.82 -5.85 -19.17
N ASN B 237 -12.12 -5.75 -18.90
CA ASN B 237 -12.68 -4.66 -18.08
C ASN B 237 -12.57 -3.29 -18.77
N LYS B 238 -12.32 -3.27 -20.08
CA LYS B 238 -12.24 -1.99 -20.78
C LYS B 238 -13.22 -2.02 -21.96
N ILE B 239 -14.08 -1.01 -22.00
CA ILE B 239 -15.12 -0.87 -23.01
C ILE B 239 -14.69 0.16 -24.05
N TYR B 240 -14.64 -0.24 -25.31
CA TYR B 240 -14.24 0.67 -26.39
C TYR B 240 -15.44 1.24 -27.15
N ASP B 241 -16.59 0.62 -26.97
CA ASP B 241 -17.82 1.12 -27.57
C ASP B 241 -18.99 1.07 -26.60
N TYR B 242 -19.39 2.23 -26.10
CA TYR B 242 -20.46 2.32 -25.12
C TYR B 242 -21.86 2.46 -25.71
N SER B 243 -21.95 2.66 -27.01
CA SER B 243 -23.25 2.92 -27.64
C SER B 243 -24.21 1.74 -27.50
N GLN B 244 -23.64 0.53 -27.42
CA GLN B 244 -24.45 -0.69 -27.30
C GLN B 244 -25.06 -0.88 -25.91
N TYR B 245 -24.63 -0.09 -24.94
CA TYR B 245 -25.18 -0.18 -23.59
C TYR B 245 -26.11 0.99 -23.30
N GLU B 246 -27.17 0.69 -22.57
CA GLU B 246 -28.17 1.68 -22.19
C GLU B 246 -27.64 2.67 -21.16
N ASP B 247 -27.54 3.94 -21.55
CA ASP B 247 -27.12 5.01 -20.67
C ASP B 247 -28.22 5.32 -19.65
N VAL B 248 -28.00 4.98 -18.39
CA VAL B 248 -28.99 5.25 -17.35
C VAL B 248 -28.51 6.24 -16.29
N THR B 249 -27.56 7.10 -16.66
CA THR B 249 -26.98 8.06 -15.73
C THR B 249 -28.04 8.91 -15.01
N ASN B 250 -29.01 9.41 -15.76
CA ASN B 250 -30.09 10.21 -15.18
C ASN B 250 -31.28 9.37 -14.74
N SER B 251 -31.03 8.10 -14.40
CA SER B 251 -32.06 7.23 -13.89
C SER B 251 -31.66 6.69 -12.52
N VAL B 252 -30.38 6.85 -12.19
CA VAL B 252 -29.89 6.44 -10.89
C VAL B 252 -29.49 7.66 -10.08
N THR B 253 -29.53 7.52 -8.76
CA THR B 253 -29.20 8.61 -7.87
C THR B 253 -27.71 8.67 -7.67
N ILE B 254 -27.08 9.67 -8.29
CA ILE B 254 -25.65 9.84 -8.19
C ILE B 254 -25.35 10.98 -7.24
N ASN B 255 -24.58 10.69 -6.21
CA ASN B 255 -24.30 11.64 -5.15
C ASN B 255 -22.81 11.95 -5.09
N LYS B 256 -22.42 13.07 -5.71
CA LYS B 256 -21.02 13.46 -5.75
C LYS B 256 -20.65 14.33 -4.54
N ASN B 257 -21.54 14.37 -3.56
CA ASN B 257 -21.29 15.15 -2.33
C ASN B 257 -21.36 14.25 -1.10
N TYR B 258 -21.02 12.98 -1.28
CA TYR B 258 -21.22 11.97 -0.25
C TYR B 258 -20.24 12.09 0.90
N GLY B 259 -18.97 12.38 0.59
CA GLY B 259 -17.95 12.51 1.61
C GLY B 259 -16.71 13.19 1.04
N THR B 260 -15.68 13.35 1.85
CA THR B 260 -14.44 13.95 1.36
C THR B 260 -13.80 13.03 0.35
N ASN B 261 -13.71 13.51 -0.89
CA ASN B 261 -13.24 12.71 -2.02
C ASN B 261 -13.97 11.38 -2.11
N MET B 262 -15.29 11.44 -1.95
CA MET B 262 -16.14 10.25 -2.04
C MET B 262 -17.40 10.55 -2.81
N ALA B 263 -17.80 9.61 -3.67
CA ALA B 263 -19.07 9.71 -4.35
C ALA B 263 -19.84 8.44 -4.05
N ASN B 264 -21.16 8.52 -4.09
CA ASN B 264 -21.96 7.32 -3.90
C ASN B 264 -23.07 7.24 -4.93
N ILE B 265 -23.29 6.04 -5.45
CA ILE B 265 -24.38 5.79 -6.37
C ILE B 265 -25.37 4.88 -5.70
N ASN B 266 -26.60 5.36 -5.53
CA ASN B 266 -27.65 4.56 -4.93
C ASN B 266 -28.47 3.89 -6.03
N PHE B 267 -28.15 2.64 -6.31
CA PHE B 267 -28.84 1.86 -7.33
C PHE B 267 -30.20 1.36 -6.86
N GLY B 268 -30.35 1.15 -5.54
CA GLY B 268 -31.55 0.53 -5.01
C GLY B 268 -31.54 -0.96 -5.33
N ASP B 269 -32.72 -1.57 -5.40
CA ASP B 269 -32.83 -2.99 -5.76
C ASP B 269 -32.56 -3.16 -7.24
N ILE B 270 -31.56 -3.99 -7.58
CA ILE B 270 -31.24 -4.24 -8.99
C ILE B 270 -31.18 -5.71 -9.31
N ASP B 271 -31.32 -6.05 -10.59
CA ASP B 271 -31.17 -7.42 -11.04
C ASP B 271 -30.32 -7.52 -12.30
N SER B 272 -29.54 -6.47 -12.55
CA SER B 272 -28.72 -6.39 -13.75
C SER B 272 -27.32 -5.91 -13.42
N ALA B 273 -26.38 -6.22 -14.31
CA ALA B 273 -25.05 -5.63 -14.23
C ALA B 273 -25.10 -4.20 -14.72
N TYR B 274 -24.18 -3.39 -14.20
CA TYR B 274 -24.02 -2.03 -14.66
C TYR B 274 -22.53 -1.76 -14.89
N ILE B 275 -22.25 -0.84 -15.82
CA ILE B 275 -20.89 -0.32 -15.98
C ILE B 275 -20.92 1.10 -15.48
N VAL B 276 -19.98 1.43 -14.58
CA VAL B 276 -19.80 2.80 -14.12
C VAL B 276 -18.46 3.29 -14.62
N LYS B 277 -18.47 4.42 -15.31
CA LYS B 277 -17.23 5.03 -15.80
C LYS B 277 -17.04 6.36 -15.10
N VAL B 278 -15.96 6.48 -14.35
CA VAL B 278 -15.68 7.65 -13.52
C VAL B 278 -14.43 8.34 -14.05
N VAL B 279 -14.52 9.65 -14.28
CA VAL B 279 -13.32 10.45 -14.56
C VAL B 279 -13.10 11.42 -13.42
N SER B 280 -12.01 11.20 -12.69
CA SER B 280 -11.67 12.01 -11.53
C SER B 280 -10.31 12.68 -11.79
N LYS B 281 -9.96 13.62 -10.91
CA LYS B 281 -8.71 14.34 -11.08
C LYS B 281 -7.68 13.79 -10.11
N TYR B 282 -6.41 14.14 -10.29
CA TYR B 282 -5.42 13.76 -9.30
C TYR B 282 -4.37 14.86 -9.15
N THR B 283 -3.53 14.71 -8.14
CA THR B 283 -2.51 15.71 -7.84
C THR B 283 -1.39 15.70 -8.86
N PRO B 284 -1.15 16.84 -9.53
CA PRO B 284 -0.10 16.90 -10.56
C PRO B 284 1.23 16.35 -10.07
N GLY B 285 1.80 15.42 -10.82
CA GLY B 285 3.06 14.80 -10.46
C GLY B 285 2.93 13.46 -9.76
N ALA B 286 1.71 13.13 -9.31
CA ALA B 286 1.52 11.92 -8.50
C ALA B 286 1.82 10.64 -9.28
N GLU B 287 1.70 10.69 -10.60
CA GLU B 287 1.98 9.51 -11.42
C GLU B 287 3.45 9.11 -11.31
N ASP B 288 4.34 10.10 -11.13
CA ASP B 288 5.77 9.81 -10.98
C ASP B 288 6.09 9.14 -9.66
N ASP B 289 5.15 9.22 -8.71
CA ASP B 289 5.29 8.56 -7.42
C ASP B 289 4.37 7.35 -7.31
N LEU B 290 3.67 7.06 -8.41
CA LEU B 290 2.66 6.00 -8.47
C LEU B 290 1.65 6.17 -7.34
N ALA B 291 1.29 7.43 -7.09
CA ALA B 291 0.43 7.78 -5.96
C ALA B 291 -0.95 8.20 -6.44
N VAL B 292 -1.46 7.48 -7.44
CA VAL B 292 -2.83 7.63 -7.91
C VAL B 292 -3.57 6.34 -7.60
N GLN B 293 -4.58 6.42 -6.75
CA GLN B 293 -5.24 5.23 -6.23
C GLN B 293 -6.68 5.54 -5.89
N GLN B 294 -7.59 4.67 -6.31
CA GLN B 294 -9.00 4.92 -6.12
C GLN B 294 -9.71 3.59 -5.99
N GLY B 295 -10.66 3.52 -5.06
CA GLY B 295 -11.34 2.28 -4.76
C GLY B 295 -12.84 2.39 -4.77
N VAL B 296 -13.50 1.24 -4.86
CA VAL B 296 -14.94 1.16 -4.92
C VAL B 296 -15.44 0.12 -3.92
N ARG B 297 -16.52 0.47 -3.24
CA ARG B 297 -17.20 -0.45 -2.34
C ARG B 297 -18.61 -0.68 -2.83
N MET B 298 -19.01 -1.95 -2.95
CA MET B 298 -20.42 -2.27 -3.18
C MET B 298 -21.03 -2.75 -1.88
N THR B 299 -22.14 -2.10 -1.52
CA THR B 299 -22.93 -2.48 -0.34
C THR B 299 -24.27 -3.03 -0.80
N THR B 300 -24.71 -4.14 -0.22
CA THR B 300 -26.06 -4.66 -0.44
C THR B 300 -26.62 -5.12 0.89
N THR B 301 -27.93 -5.33 0.92
CA THR B 301 -28.55 -5.89 2.12
C THR B 301 -28.77 -7.38 1.88
N ASN B 302 -28.15 -8.20 2.72
CA ASN B 302 -28.15 -9.63 2.51
C ASN B 302 -29.40 -10.30 3.08
N LYS B 303 -29.47 -11.63 2.95
CA LYS B 303 -30.66 -12.37 3.35
C LYS B 303 -30.92 -12.30 4.87
N TYR B 304 -29.92 -11.90 5.64
CA TYR B 304 -30.05 -11.80 7.09
C TYR B 304 -30.37 -10.38 7.53
N ASN B 305 -30.64 -9.52 6.54
CA ASN B 305 -31.06 -8.14 6.77
C ASN B 305 -29.98 -7.26 7.40
N TYR B 306 -28.72 -7.51 7.04
CA TYR B 306 -27.66 -6.54 7.33
C TYR B 306 -26.75 -6.40 6.11
N SER B 307 -25.79 -5.50 6.18
CA SER B 307 -25.01 -5.15 5.00
C SER B 307 -23.87 -6.12 4.69
N SER B 308 -23.75 -6.47 3.41
CA SER B 308 -22.60 -7.21 2.90
C SER B 308 -21.83 -6.32 1.94
N TYR B 309 -20.51 -6.43 1.98
CA TYR B 309 -19.64 -5.51 1.28
C TYR B 309 -18.67 -6.24 0.37
N ALA B 310 -18.40 -5.68 -0.81
CA ALA B 310 -17.33 -6.16 -1.67
C ALA B 310 -16.53 -4.93 -2.11
N GLY B 311 -15.21 -5.04 -2.17
CA GLY B 311 -14.39 -3.89 -2.52
C GLY B 311 -13.34 -4.19 -3.55
N TYR B 312 -12.86 -3.13 -4.19
CA TYR B 312 -11.90 -3.29 -5.26
C TYR B 312 -11.09 -1.97 -5.33
N THR B 313 -9.77 -2.06 -5.50
CA THR B 313 -8.93 -0.85 -5.57
C THR B 313 -7.95 -0.88 -6.73
N ASN B 314 -7.83 0.23 -7.45
CA ASN B 314 -6.85 0.35 -8.52
C ASN B 314 -5.73 1.32 -8.19
N THR B 315 -4.55 1.02 -8.69
CA THR B 315 -3.40 1.88 -8.55
C THR B 315 -2.71 1.87 -9.90
N ILE B 316 -1.65 2.64 -10.05
CA ILE B 316 -0.92 2.62 -11.31
C ILE B 316 0.49 2.07 -11.14
N LEU B 317 1.00 1.53 -12.23
CA LEU B 317 2.38 1.09 -12.32
C LEU B 317 2.96 1.75 -13.57
N SER B 318 4.28 1.89 -13.57
CA SER B 318 4.94 2.47 -14.73
C SER B 318 6.19 1.69 -15.09
N THR B 319 6.62 1.83 -16.33
CA THR B 319 7.89 1.30 -16.80
C THR B 319 8.58 2.36 -17.63
N THR B 320 9.88 2.19 -17.82
CA THR B 320 10.64 3.10 -18.65
C THR B 320 11.54 2.31 -19.58
N ASP B 321 11.38 2.52 -20.89
CA ASP B 321 12.25 1.87 -21.86
C ASP B 321 13.67 2.35 -21.71
N SER B 322 14.62 1.55 -22.15
CA SER B 322 16.00 1.98 -22.19
C SER B 322 16.63 1.67 -23.56
N GLY B 323 17.50 2.57 -23.99
CA GLY B 323 18.20 2.41 -25.25
C GLY B 323 19.61 2.92 -25.04
N GLY B 324 20.57 2.01 -25.10
CA GLY B 324 21.95 2.39 -24.87
C GLY B 324 22.83 1.82 -25.97
N GLY B 325 23.93 2.51 -26.25
CA GLY B 325 24.84 2.03 -27.26
C GLY B 325 26.20 2.65 -27.04
N ASP B 326 27.13 2.30 -27.91
CA ASP B 326 28.49 2.79 -27.78
C ASP B 326 29.17 2.63 -29.12
N GLY B 327 30.34 3.22 -29.26
CA GLY B 327 31.11 3.09 -30.48
C GLY B 327 32.50 3.62 -30.19
N THR B 328 33.37 3.54 -31.18
CA THR B 328 34.74 4.00 -31.01
C THR B 328 35.04 5.14 -31.98
N VAL B 329 35.92 6.03 -31.56
CA VAL B 329 36.30 7.18 -32.37
C VAL B 329 37.11 6.71 -33.57
N LYS B 330 36.84 7.28 -34.74
CA LYS B 330 37.55 6.90 -35.95
C LYS B 330 38.99 7.39 -35.94
N PRO B 331 39.89 6.58 -36.50
CA PRO B 331 41.31 6.93 -36.59
C PRO B 331 41.58 7.88 -37.75
N LYS C 2 6.36 8.60 -18.93
CA LYS C 2 6.68 7.18 -18.93
C LYS C 2 5.61 6.36 -19.65
N GLN C 3 5.62 5.06 -19.40
CA GLN C 3 4.58 4.15 -19.85
C GLN C 3 3.83 3.71 -18.62
N PHE C 4 2.50 3.60 -18.72
CA PHE C 4 1.67 3.35 -17.55
C PHE C 4 0.63 2.26 -17.75
N THR C 5 0.26 1.62 -16.65
CA THR C 5 -0.78 0.59 -16.67
C THR C 5 -1.54 0.63 -15.36
N SER C 6 -2.71 -0.01 -15.36
CA SER C 6 -3.54 -0.15 -14.18
C SER C 6 -3.16 -1.41 -13.45
N SER C 7 -3.17 -1.33 -12.13
CA SER C 7 -2.92 -2.48 -11.31
C SER C 7 -4.04 -2.57 -10.30
N THR C 8 -4.07 -3.68 -9.58
CA THR C 8 -4.98 -3.83 -8.46
C THR C 8 -4.17 -3.68 -7.17
N SER C 9 -4.77 -3.06 -6.16
CA SER C 9 -4.11 -2.98 -4.85
C SER C 9 -4.52 -4.17 -3.99
N SER D 1 13.56 10.02 16.20
CA SER D 1 13.75 9.88 17.65
C SER D 1 13.46 8.48 18.16
N LYS D 2 12.32 8.33 18.82
CA LYS D 2 11.93 7.07 19.38
C LYS D 2 10.77 6.56 18.61
N GLN D 3 10.49 5.28 18.82
CA GLN D 3 9.41 4.67 18.10
C GLN D 3 8.63 4.07 19.26
N PHE D 4 7.31 3.91 19.13
CA PHE D 4 6.50 3.60 20.29
C PHE D 4 5.48 2.51 20.03
N THR D 5 5.08 1.85 21.12
CA THR D 5 4.04 0.85 21.07
C THR D 5 3.18 0.90 22.33
N SER D 6 2.04 0.24 22.26
CA SER D 6 1.14 0.12 23.40
C SER D 6 1.47 -1.15 24.15
N SER D 7 1.40 -1.07 25.47
N SER D 7 1.39 -1.10 25.47
CA SER D 7 1.60 -2.23 26.31
CA SER D 7 1.55 -2.31 26.27
C SER D 7 0.49 -2.33 27.34
C SER D 7 0.46 -2.37 27.33
N THR D 8 0.53 -3.39 28.14
N THR D 8 0.58 -2.90 28.05
N THR D 8 0.51 -3.42 28.13
CA THR D 8 -0.45 -3.61 29.18
CA THR D 8 -0.38 -3.23 29.09
CA THR D 8 -0.46 -3.62 29.19
C THR D 8 0.20 -3.44 30.55
C THR D 8 0.26 -3.24 30.47
C THR D 8 0.20 -3.45 30.55
N SER D 9 -0.48 -2.75 31.45
CA SER D 9 0.01 -2.64 32.82
C SER D 9 -0.65 -3.73 33.65
N TYR D 10 0.07 -4.21 34.66
CA TYR D 10 -0.43 -5.34 35.45
C TYR D 10 -0.24 -5.13 36.95
MG MG E . 8.69 -13.39 22.39
#